data_6UQQ
#
_entry.id   6UQQ
#
_cell.length_a   61.390
_cell.length_b   85.526
_cell.length_c   152.051
_cell.angle_alpha   90.000
_cell.angle_beta   90.970
_cell.angle_gamma   90.000
#
_symmetry.space_group_name_H-M   'P 1 21 1'
#
loop_
_entity.id
_entity.type
_entity.pdbx_description
1 polymer Septin-7
2 polymer 'Neuronal-specific septin-3'
3 non-polymer "GUANOSINE-5'-DIPHOSPHATE"
4 water water
#
loop_
_entity_poly.entity_id
_entity_poly.type
_entity_poly.pdbx_seq_one_letter_code
_entity_poly.pdbx_strand_id
1 'polypeptide(L)'
;MGSSHHHHHHSQDPGFEFTLMVVGESGLGKSTLINSLFLTDLYSPEYPGPSHRIKKTVQVEQSKVLIKEGGVQLLLTIVD
TPGFGDAVDNSNCWQPVIDYIDSKFEDYLNAESRVNRRQMPDNRVQCCLYFIAPSGHGLKPLDIEFMKRLHEKVNIIPLI
AKADTLTPEECQQFKKQIMKEIQEHKIKIYEFPETDDEEENKLVKKIKDRLPLAVVGSNTIIEVNGKRVRGRQYPWGVAE
VENGEHCDFTILRNMLIRTHMQDLKDVTNNVHYENYRSRKLAAVT
;
A,B
2 'polypeptide(L)'
;MGFDFNIMVVGQSGLGKSTLVNTLFKSQVSRKASSWNREEKIPKTVEIKAIGHVIEEGGVKMKLTVIDTPGFGDQINNEN
CWEPIEKYINEQYEKFLKEEVNIARKKRIPDTRVHCCLYFISPTGHSLRPLDLEFMKHLSKVVNIIPVIAKADTMTLEEK
SEFKQRVRKELEVNGIEFYPQKEFDEDLEDKTENDKIRQESMPFAVVGSDKEYQVNGKRVLGRKYPWGIIEVENLNHCEF
ALLRDFVIRTHLQDLKEVTHNIHYETYRAKRLNDNGGLPPVSVDTEESHDSNP
;
C,D
#
# COMPACT_ATOMS: atom_id res chain seq x y z
N PHE A 16 28.39 -15.09 14.10
CA PHE A 16 26.93 -15.04 14.04
C PHE A 16 26.32 -15.06 15.44
N GLU A 17 25.57 -14.02 15.77
CA GLU A 17 24.99 -13.82 17.10
C GLU A 17 23.47 -13.81 17.02
N PHE A 18 22.82 -13.98 18.17
CA PHE A 18 21.37 -13.92 18.24
C PHE A 18 20.93 -13.66 19.67
N THR A 19 19.98 -12.73 19.85
CA THR A 19 19.48 -12.34 21.15
C THR A 19 18.02 -12.79 21.25
N LEU A 20 17.76 -13.77 22.11
CA LEU A 20 16.43 -14.33 22.31
C LEU A 20 15.89 -13.98 23.69
N MET A 21 14.67 -13.48 23.75
CA MET A 21 14.03 -13.10 24.99
C MET A 21 12.80 -13.97 25.25
N VAL A 22 12.66 -14.45 26.48
CA VAL A 22 11.49 -15.21 26.91
C VAL A 22 10.77 -14.41 27.99
N VAL A 23 9.46 -14.28 27.85
CA VAL A 23 8.62 -13.63 28.85
C VAL A 23 7.45 -14.55 29.16
N GLY A 24 7.09 -14.64 30.44
CA GLY A 24 5.95 -15.45 30.85
C GLY A 24 6.00 -15.75 32.32
N GLU A 25 4.87 -16.26 32.82
CA GLU A 25 4.77 -16.66 34.22
C GLU A 25 5.78 -17.75 34.56
N SER A 26 5.97 -17.95 35.86
CA SER A 26 6.75 -19.09 36.33
C SER A 26 5.94 -20.38 36.17
N GLY A 27 6.64 -21.46 35.87
CA GLY A 27 6.00 -22.75 35.76
C GLY A 27 5.32 -23.02 34.43
N LEU A 28 5.59 -22.22 33.41
CA LEU A 28 5.05 -22.45 32.08
C LEU A 28 6.01 -23.22 31.19
N GLY A 29 7.08 -23.79 31.76
CA GLY A 29 8.02 -24.56 30.98
C GLY A 29 8.98 -23.74 30.14
N LYS A 30 9.25 -22.48 30.51
CA LYS A 30 10.14 -21.66 29.71
C LYS A 30 11.58 -22.18 29.79
N SER A 31 12.06 -22.47 31.00
CA SER A 31 13.40 -23.04 31.15
C SER A 31 13.52 -24.38 30.43
N THR A 32 12.44 -25.16 30.39
CA THR A 32 12.52 -26.47 29.76
C THR A 32 12.53 -26.34 28.23
N LEU A 33 11.76 -25.39 27.68
CA LEU A 33 11.70 -25.24 26.23
C LEU A 33 12.99 -24.69 25.67
N ILE A 34 13.61 -23.72 26.35
CA ILE A 34 14.85 -23.14 25.88
C ILE A 34 15.94 -24.21 25.79
N ASN A 35 16.07 -25.02 26.84
CA ASN A 35 17.01 -26.12 26.80
C ASN A 35 16.60 -27.23 25.84
N SER A 36 15.35 -27.24 25.39
CA SER A 36 14.93 -28.20 24.38
C SER A 36 15.21 -27.72 22.96
N LEU A 37 15.13 -26.41 22.73
CA LEU A 37 15.39 -25.86 21.40
C LEU A 37 16.86 -25.98 21.03
N PHE A 38 17.76 -25.73 21.98
CA PHE A 38 19.18 -25.65 21.69
C PHE A 38 19.96 -26.85 22.20
N LEU A 39 19.27 -27.85 22.76
CA LEU A 39 19.88 -29.13 23.16
C LEU A 39 21.12 -28.92 24.02
N THR A 40 21.03 -27.96 24.95
CA THR A 40 22.13 -27.63 25.84
C THR A 40 21.56 -27.27 27.22
N ASP A 41 22.44 -27.22 28.21
CA ASP A 41 22.05 -26.86 29.56
C ASP A 41 22.28 -25.37 29.80
N LEU A 42 21.51 -24.56 29.07
CA LEU A 42 21.58 -23.11 29.25
C LEU A 42 21.07 -22.70 30.62
N TYR A 43 20.11 -23.45 31.17
CA TYR A 43 19.66 -23.28 32.54
C TYR A 43 20.07 -24.52 33.32
N SER A 44 20.91 -24.34 34.33
CA SER A 44 21.48 -25.45 35.07
C SER A 44 21.55 -25.08 36.56
N PRO A 45 21.96 -26.00 37.46
CA PRO A 45 22.15 -25.61 38.86
C PRO A 45 23.08 -24.41 39.04
N GLU A 46 23.96 -24.19 38.07
CA GLU A 46 24.88 -23.06 38.13
C GLU A 46 24.19 -21.75 37.78
N TYR A 47 23.52 -21.70 36.63
CA TYR A 47 22.69 -20.57 36.22
C TYR A 47 21.27 -21.07 36.09
N PRO A 48 20.45 -20.95 37.15
CA PRO A 48 19.12 -21.55 37.13
C PRO A 48 18.17 -20.75 36.25
N GLY A 49 16.97 -21.31 36.06
CA GLY A 49 15.93 -20.66 35.30
C GLY A 49 15.46 -19.38 35.96
N PRO A 50 14.65 -18.59 35.23
CA PRO A 50 14.19 -17.31 35.80
C PRO A 50 13.35 -17.48 37.04
N SER A 51 12.62 -18.58 37.17
CA SER A 51 11.80 -18.81 38.36
C SER A 51 12.64 -18.96 39.62
N HIS A 52 13.95 -19.21 39.48
CA HIS A 52 14.86 -19.34 40.61
C HIS A 52 15.62 -18.04 40.90
N ARG A 53 15.32 -16.96 40.17
CA ARG A 53 16.06 -15.71 40.29
C ARG A 53 15.12 -14.53 40.51
N ILE A 54 13.99 -14.78 41.16
CA ILE A 54 12.98 -13.75 41.36
C ILE A 54 13.39 -12.86 42.53
N LYS A 55 13.27 -11.55 42.35
CA LYS A 55 13.64 -10.58 43.36
C LYS A 55 12.37 -9.86 43.87
N LYS A 56 12.57 -8.76 44.60
CA LYS A 56 11.45 -8.00 45.12
C LYS A 56 10.67 -7.31 44.00
N THR A 57 11.35 -6.95 42.92
CA THR A 57 10.72 -6.31 41.77
C THR A 57 11.11 -7.08 40.50
N VAL A 58 10.42 -6.76 39.42
CA VAL A 58 10.65 -7.45 38.15
C VAL A 58 12.01 -7.04 37.60
N GLN A 59 12.84 -8.03 37.28
CA GLN A 59 14.18 -7.81 36.76
C GLN A 59 14.28 -8.35 35.34
N VAL A 60 15.28 -7.85 34.61
CA VAL A 60 15.62 -8.34 33.28
C VAL A 60 17.08 -8.78 33.32
N GLU A 61 17.32 -10.06 33.08
CA GLU A 61 18.65 -10.65 33.19
C GLU A 61 19.02 -11.36 31.89
N GLN A 62 20.31 -11.34 31.57
CA GLN A 62 20.79 -11.92 30.33
C GLN A 62 21.94 -12.88 30.63
N SER A 63 22.16 -13.80 29.69
CA SER A 63 23.20 -14.81 29.82
C SER A 63 23.65 -15.20 28.43
N LYS A 64 24.93 -14.95 28.12
CA LYS A 64 25.48 -15.28 26.83
C LYS A 64 26.13 -16.66 26.89
N VAL A 65 25.96 -17.43 25.81
CA VAL A 65 26.45 -18.80 25.76
C VAL A 65 26.79 -19.17 24.32
N LEU A 66 27.78 -20.06 24.17
CA LEU A 66 28.25 -20.50 22.86
C LEU A 66 27.66 -21.85 22.52
N ILE A 67 27.12 -21.98 21.31
CA ILE A 67 26.38 -23.16 20.88
C ILE A 67 26.89 -23.59 19.51
N LYS A 68 27.22 -24.88 19.37
CA LYS A 68 27.54 -25.47 18.08
C LYS A 68 26.28 -26.10 17.51
N GLU A 69 25.71 -25.43 16.51
CA GLU A 69 24.47 -25.89 15.86
C GLU A 69 24.85 -26.67 14.60
N GLY A 70 25.05 -27.98 14.77
CA GLY A 70 25.37 -28.83 13.64
C GLY A 70 26.71 -28.50 12.99
N GLY A 71 27.73 -28.25 13.79
CA GLY A 71 29.04 -27.91 13.28
C GLY A 71 29.24 -26.43 12.98
N VAL A 72 28.24 -25.59 13.23
CA VAL A 72 28.35 -24.15 13.03
C VAL A 72 28.09 -23.47 14.37
N GLN A 73 29.00 -22.60 14.77
CA GLN A 73 28.88 -21.94 16.07
C GLN A 73 27.75 -20.93 16.07
N LEU A 74 27.24 -20.65 17.26
CA LEU A 74 26.18 -19.68 17.48
C LEU A 74 26.43 -18.98 18.81
N LEU A 75 26.45 -17.64 18.78
CA LEU A 75 26.56 -16.84 20.00
C LEU A 75 25.16 -16.47 20.45
N LEU A 76 24.60 -17.25 21.37
CA LEU A 76 23.22 -17.08 21.81
C LEU A 76 23.19 -16.31 23.12
N THR A 77 22.38 -15.26 23.16
CA THR A 77 22.14 -14.48 24.37
C THR A 77 20.66 -14.63 24.73
N ILE A 78 20.40 -15.25 25.88
CA ILE A 78 19.05 -15.42 26.38
C ILE A 78 18.76 -14.30 27.36
N VAL A 79 17.63 -13.62 27.17
CA VAL A 79 17.19 -12.56 28.06
C VAL A 79 15.86 -12.99 28.67
N ASP A 80 15.83 -13.19 29.98
CA ASP A 80 14.61 -13.57 30.66
C ASP A 80 14.18 -12.47 31.63
N THR A 81 12.95 -12.59 32.11
CA THR A 81 12.33 -11.57 32.98
C THR A 81 11.81 -12.23 34.24
N PRO A 82 12.69 -12.62 35.16
CA PRO A 82 12.24 -13.31 36.38
C PRO A 82 11.31 -12.43 37.20
N GLY A 83 10.14 -12.99 37.53
CA GLY A 83 9.13 -12.29 38.31
C GLY A 83 7.98 -11.72 37.51
N PHE A 84 8.01 -11.84 36.20
CA PHE A 84 6.92 -11.32 35.37
C PHE A 84 5.65 -12.11 35.61
N GLY A 85 4.58 -11.42 35.96
CA GLY A 85 3.29 -12.06 36.13
C GLY A 85 3.13 -12.93 37.36
N ASP A 86 4.11 -12.95 38.25
CA ASP A 86 4.11 -13.85 39.40
C ASP A 86 3.65 -13.20 40.69
N ALA A 87 3.24 -11.94 40.65
CA ALA A 87 2.88 -11.18 41.84
C ALA A 87 1.38 -10.92 41.86
N VAL A 88 0.88 -10.57 43.05
CA VAL A 88 -0.52 -10.21 43.19
C VAL A 88 -0.82 -8.93 42.41
N ASP A 89 0.10 -7.97 42.45
CA ASP A 89 -0.02 -6.71 41.72
C ASP A 89 1.03 -6.68 40.62
N ASN A 90 0.60 -6.98 39.38
CA ASN A 90 1.47 -6.98 38.21
C ASN A 90 1.39 -5.67 37.43
N SER A 91 1.06 -4.57 38.10
CA SER A 91 1.00 -3.28 37.42
C SER A 91 2.39 -2.87 36.94
N ASN A 92 2.46 -2.46 35.67
CA ASN A 92 3.69 -2.01 35.02
C ASN A 92 4.80 -3.05 35.06
N CYS A 93 4.47 -4.34 35.18
CA CYS A 93 5.50 -5.37 35.16
C CYS A 93 6.11 -5.54 33.78
N TRP A 94 5.52 -4.92 32.75
CA TRP A 94 6.10 -4.91 31.42
C TRP A 94 7.13 -3.80 31.24
N GLN A 95 7.07 -2.76 32.06
CA GLN A 95 7.97 -1.63 31.88
C GLN A 95 9.45 -2.00 31.98
N PRO A 96 9.90 -2.86 32.90
CA PRO A 96 11.32 -3.26 32.89
C PRO A 96 11.75 -3.90 31.58
N VAL A 97 10.83 -4.55 30.87
CA VAL A 97 11.18 -5.15 29.59
C VAL A 97 11.30 -4.06 28.53
N ILE A 98 10.45 -3.04 28.60
CA ILE A 98 10.53 -1.92 27.68
C ILE A 98 11.85 -1.17 27.87
N ASP A 99 12.25 -0.97 29.12
CA ASP A 99 13.48 -0.24 29.40
C ASP A 99 14.70 -0.99 28.88
N TYR A 100 14.68 -2.32 28.96
CA TYR A 100 15.81 -3.11 28.45
C TYR A 100 15.90 -3.02 26.94
N ILE A 101 14.77 -3.16 26.26
CA ILE A 101 14.77 -3.17 24.80
C ILE A 101 15.10 -1.79 24.25
N ASP A 102 14.51 -0.74 24.82
CA ASP A 102 14.77 0.60 24.31
C ASP A 102 16.17 1.08 24.66
N SER A 103 16.74 0.63 25.78
CA SER A 103 18.11 1.00 26.11
C SER A 103 19.11 0.36 25.15
N LYS A 104 18.77 -0.81 24.61
CA LYS A 104 19.61 -1.42 23.59
C LYS A 104 19.44 -0.71 22.25
N PHE A 105 18.26 -0.14 22.00
CA PHE A 105 18.10 0.74 20.83
C PHE A 105 18.92 2.01 20.99
N GLU A 106 18.88 2.62 22.18
CA GLU A 106 19.70 3.79 22.43
C GLU A 106 21.19 3.45 22.37
N ASP A 107 21.56 2.23 22.77
CA ASP A 107 22.95 1.80 22.65
C ASP A 107 23.39 1.72 21.19
N TYR A 108 22.48 1.37 20.29
CA TYR A 108 22.84 1.31 18.88
C TYR A 108 22.80 2.69 18.24
N LEU A 109 21.83 3.52 18.62
CA LEU A 109 21.76 4.88 18.08
C LEU A 109 22.98 5.70 18.47
N ASN A 110 23.42 5.56 19.73
CA ASN A 110 24.65 6.23 20.15
C ASN A 110 25.87 5.66 19.45
N ALA A 111 25.78 4.46 18.88
CA ALA A 111 26.88 3.89 18.13
C ALA A 111 26.90 4.36 16.68
N GLU A 112 25.72 4.63 16.11
CA GLU A 112 25.65 5.20 14.77
C GLU A 112 26.13 6.64 14.74
N SER A 113 25.91 7.39 15.82
CA SER A 113 26.25 8.80 15.89
C SER A 113 27.69 9.05 16.29
N ARG A 114 28.46 8.00 16.59
CA ARG A 114 29.87 8.16 16.93
C ARG A 114 30.65 8.67 15.73
N VAL A 115 31.66 9.50 16.01
CA VAL A 115 32.57 9.93 14.95
C VAL A 115 33.36 8.74 14.41
N ASN A 116 33.94 7.95 15.31
CA ASN A 116 34.70 6.76 14.93
C ASN A 116 33.84 5.54 15.22
N ARG A 117 32.92 5.26 14.30
CA ARG A 117 31.98 4.15 14.46
C ARG A 117 32.43 2.91 13.69
N ARG A 118 33.70 2.55 13.83
CA ARG A 118 34.25 1.44 13.06
C ARG A 118 33.52 0.14 13.35
N GLN A 119 33.50 -0.28 14.61
CA GLN A 119 32.81 -1.50 15.01
C GLN A 119 31.52 -1.16 15.74
N MET A 120 30.45 -1.88 15.41
CA MET A 120 29.13 -1.60 15.94
C MET A 120 28.69 -2.72 16.86
N PRO A 121 28.52 -2.47 18.17
CA PRO A 121 27.93 -3.48 19.06
C PRO A 121 26.42 -3.53 18.86
N ASP A 122 25.92 -4.70 18.48
CA ASP A 122 24.50 -4.92 18.23
C ASP A 122 23.99 -5.86 19.33
N ASN A 123 23.30 -5.30 20.32
CA ASN A 123 22.71 -6.06 21.40
C ASN A 123 21.20 -5.82 21.49
N ARG A 124 20.57 -5.51 20.37
CA ARG A 124 19.12 -5.34 20.35
C ARG A 124 18.44 -6.69 20.42
N VAL A 125 17.30 -6.73 21.10
CA VAL A 125 16.54 -7.97 21.24
C VAL A 125 15.88 -8.27 19.90
N GLN A 126 16.29 -9.36 19.27
CA GLN A 126 15.83 -9.70 17.93
C GLN A 126 14.58 -10.58 17.92
N CYS A 127 14.18 -11.13 19.06
CA CYS A 127 13.04 -12.03 19.09
C CYS A 127 12.59 -12.25 20.53
N CYS A 128 11.28 -12.24 20.74
CA CYS A 128 10.69 -12.40 22.06
C CYS A 128 9.66 -13.51 22.03
N LEU A 129 9.94 -14.60 22.73
CA LEU A 129 8.96 -15.68 22.93
C LEU A 129 8.10 -15.32 24.13
N TYR A 130 6.81 -15.10 23.91
CA TYR A 130 5.88 -14.82 24.99
C TYR A 130 5.01 -16.04 25.23
N PHE A 131 5.15 -16.64 26.42
CA PHE A 131 4.40 -17.84 26.74
C PHE A 131 3.00 -17.49 27.25
N ILE A 132 2.00 -18.19 26.75
CA ILE A 132 0.61 -18.01 27.15
C ILE A 132 0.19 -19.21 27.98
N ALA A 133 -0.37 -18.94 29.15
CA ALA A 133 -0.80 -20.04 30.02
C ALA A 133 -1.92 -20.81 29.33
N PRO A 134 -1.85 -22.15 29.28
CA PRO A 134 -2.89 -22.91 28.55
C PRO A 134 -4.22 -22.99 29.31
N SER A 135 -4.95 -21.87 29.34
CA SER A 135 -6.27 -21.87 29.99
C SER A 135 -7.24 -22.77 29.25
N GLY A 136 -7.18 -22.75 27.91
CA GLY A 136 -8.25 -23.27 27.10
C GLY A 136 -9.37 -22.28 26.86
N HIS A 137 -9.26 -21.07 27.41
CA HIS A 137 -10.27 -20.04 27.20
C HIS A 137 -9.80 -19.05 26.16
N GLY A 138 -9.09 -18.02 26.61
CA GLY A 138 -8.55 -17.00 25.73
C GLY A 138 -7.31 -16.40 26.33
N LEU A 139 -7.11 -15.11 26.08
CA LEU A 139 -5.96 -14.39 26.60
C LEU A 139 -6.34 -13.65 27.88
N LYS A 140 -5.46 -13.71 28.87
CA LYS A 140 -5.64 -12.98 30.11
C LYS A 140 -5.23 -11.53 29.93
N PRO A 141 -5.83 -10.61 30.70
CA PRO A 141 -5.49 -9.17 30.55
C PRO A 141 -4.00 -8.88 30.57
N LEU A 142 -3.21 -9.67 31.30
CA LEU A 142 -1.76 -9.49 31.26
C LEU A 142 -1.21 -9.75 29.86
N ASP A 143 -1.65 -10.85 29.23
CA ASP A 143 -1.20 -11.18 27.89
C ASP A 143 -1.53 -10.08 26.90
N ILE A 144 -2.78 -9.59 26.94
CA ILE A 144 -3.19 -8.54 26.02
C ILE A 144 -2.35 -7.28 26.24
N GLU A 145 -2.16 -6.90 27.50
CA GLU A 145 -1.47 -5.65 27.79
C GLU A 145 0.00 -5.73 27.44
N PHE A 146 0.62 -6.90 27.60
CA PHE A 146 2.03 -7.04 27.25
C PHE A 146 2.24 -6.93 25.74
N MET A 147 1.52 -7.76 24.98
CA MET A 147 1.72 -7.79 23.54
C MET A 147 1.31 -6.46 22.90
N LYS A 148 0.34 -5.76 23.49
CA LYS A 148 -0.05 -4.46 22.95
C LYS A 148 0.95 -3.37 23.26
N ARG A 149 1.89 -3.62 24.17
CA ARG A 149 2.87 -2.61 24.55
C ARG A 149 4.26 -2.91 24.03
N LEU A 150 4.48 -4.05 23.37
CA LEU A 150 5.81 -4.41 22.91
C LEU A 150 5.84 -4.87 21.45
N HIS A 151 4.70 -4.91 20.76
CA HIS A 151 4.71 -5.38 19.38
C HIS A 151 5.38 -4.41 18.42
N GLU A 152 5.56 -3.15 18.81
CA GLU A 152 6.29 -2.18 18.02
C GLU A 152 7.71 -1.96 18.53
N LYS A 153 8.20 -2.86 19.39
CA LYS A 153 9.54 -2.77 19.95
C LYS A 153 10.33 -4.07 19.84
N VAL A 154 9.70 -5.18 19.46
CA VAL A 154 10.36 -6.48 19.40
C VAL A 154 9.46 -7.42 18.61
N ASN A 155 10.06 -8.43 18.00
CA ASN A 155 9.31 -9.44 17.26
C ASN A 155 8.75 -10.46 18.24
N ILE A 156 7.44 -10.40 18.48
CA ILE A 156 6.79 -11.25 19.47
C ILE A 156 6.30 -12.51 18.78
N ILE A 157 6.59 -13.66 19.38
CA ILE A 157 6.13 -14.96 18.91
C ILE A 157 5.33 -15.61 20.03
N PRO A 158 3.99 -15.54 19.97
CA PRO A 158 3.18 -16.13 21.04
C PRO A 158 3.23 -17.65 21.02
N LEU A 159 3.35 -18.24 22.20
CA LEU A 159 3.39 -19.69 22.36
C LEU A 159 2.33 -20.12 23.37
N ILE A 160 1.58 -21.16 23.03
CA ILE A 160 0.71 -21.83 23.99
C ILE A 160 1.60 -22.78 24.79
N ALA A 161 1.97 -22.38 26.01
CA ALA A 161 2.86 -23.19 26.82
C ALA A 161 2.18 -24.47 27.26
N LYS A 162 2.98 -25.52 27.46
CA LYS A 162 2.52 -26.82 27.94
C LYS A 162 1.29 -27.29 27.16
N ALA A 163 1.53 -27.57 25.88
CA ALA A 163 0.45 -27.96 24.98
C ALA A 163 -0.18 -29.28 25.37
N ASP A 164 0.56 -30.16 26.06
CA ASP A 164 -0.01 -31.41 26.55
C ASP A 164 -1.12 -31.19 27.58
N THR A 165 -1.31 -29.95 28.05
CA THR A 165 -2.42 -29.64 28.93
C THR A 165 -3.77 -29.76 28.22
N LEU A 166 -3.80 -29.55 26.91
CA LEU A 166 -5.05 -29.45 26.16
C LEU A 166 -5.22 -30.63 25.21
N THR A 167 -6.43 -31.18 25.16
CA THR A 167 -6.77 -32.15 24.16
C THR A 167 -6.79 -31.50 22.79
N PRO A 168 -6.70 -32.28 21.71
CA PRO A 168 -6.70 -31.66 20.37
C PRO A 168 -7.87 -30.73 20.12
N GLU A 169 -9.06 -31.06 20.62
CA GLU A 169 -10.22 -30.22 20.39
C GLU A 169 -10.14 -28.93 21.19
N GLU A 170 -9.70 -29.01 22.45
CA GLU A 170 -9.56 -27.81 23.26
C GLU A 170 -8.49 -26.89 22.70
N CYS A 171 -7.34 -27.46 22.34
CA CYS A 171 -6.25 -26.65 21.81
C CYS A 171 -6.63 -25.99 20.49
N GLN A 172 -7.46 -26.65 19.69
CA GLN A 172 -7.86 -26.11 18.40
C GLN A 172 -8.63 -24.80 18.57
N GLN A 173 -9.71 -24.82 19.36
CA GLN A 173 -10.49 -23.61 19.56
C GLN A 173 -9.79 -22.61 20.47
N PHE A 174 -8.88 -23.08 21.33
CA PHE A 174 -8.03 -22.16 22.08
C PHE A 174 -7.22 -21.28 21.14
N LYS A 175 -6.66 -21.88 20.09
CA LYS A 175 -5.91 -21.12 19.10
C LYS A 175 -6.81 -20.14 18.36
N LYS A 176 -7.98 -20.61 17.92
CA LYS A 176 -8.92 -19.73 17.21
C LYS A 176 -9.30 -18.53 18.06
N GLN A 177 -9.40 -18.70 19.38
CA GLN A 177 -9.77 -17.60 20.25
C GLN A 177 -8.63 -16.62 20.43
N ILE A 178 -7.41 -17.13 20.57
CA ILE A 178 -6.25 -16.25 20.76
C ILE A 178 -6.04 -15.38 19.52
N MET A 179 -6.16 -15.96 18.33
CA MET A 179 -6.03 -15.16 17.11
C MET A 179 -7.19 -14.20 16.95
N LYS A 180 -8.38 -14.60 17.40
CA LYS A 180 -9.54 -13.71 17.36
C LYS A 180 -9.30 -12.46 18.18
N GLU A 181 -8.60 -12.59 19.30
CA GLU A 181 -8.30 -11.46 20.17
C GLU A 181 -7.05 -10.71 19.75
N ILE A 182 -6.08 -11.40 19.15
CA ILE A 182 -4.95 -10.73 18.52
C ILE A 182 -5.46 -9.76 17.46
N GLN A 183 -6.27 -10.26 16.53
CA GLN A 183 -6.85 -9.42 15.49
C GLN A 183 -7.76 -8.35 16.08
N GLU A 184 -8.47 -8.66 17.16
CA GLU A 184 -9.41 -7.70 17.76
C GLU A 184 -8.67 -6.51 18.36
N HIS A 185 -7.62 -6.77 19.14
CA HIS A 185 -6.87 -5.71 19.79
C HIS A 185 -5.80 -5.09 18.90
N LYS A 186 -5.84 -5.37 17.59
CA LYS A 186 -4.86 -4.86 16.64
C LYS A 186 -3.43 -5.15 17.12
N ILE A 187 -3.17 -6.41 17.40
CA ILE A 187 -1.85 -6.86 17.83
C ILE A 187 -1.08 -7.32 16.60
N LYS A 188 0.18 -6.91 16.51
CA LYS A 188 1.05 -7.27 15.39
C LYS A 188 2.14 -8.20 15.91
N ILE A 189 1.93 -9.50 15.74
CA ILE A 189 2.96 -10.49 16.02
C ILE A 189 3.84 -10.64 14.78
N TYR A 190 5.03 -11.20 14.99
CA TYR A 190 5.95 -11.40 13.89
C TYR A 190 5.35 -12.37 12.87
N GLU A 191 5.39 -11.97 11.59
CA GLU A 191 4.89 -12.79 10.51
C GLU A 191 6.03 -13.14 9.57
N PHE A 192 5.89 -14.26 8.86
CA PHE A 192 6.96 -14.71 7.98
C PHE A 192 6.73 -14.19 6.57
N PRO A 193 7.74 -13.54 5.96
CA PRO A 193 7.62 -12.99 4.60
C PRO A 193 7.69 -14.07 3.52
N ASP A 197 11.71 -17.82 -3.00
CA ASP A 197 11.66 -19.27 -2.98
C ASP A 197 10.28 -19.76 -2.56
N GLU A 198 9.62 -20.54 -3.44
CA GLU A 198 8.33 -21.12 -3.09
C GLU A 198 8.44 -22.19 -2.03
N GLU A 199 9.62 -22.78 -1.85
CA GLU A 199 9.84 -23.68 -0.72
C GLU A 199 9.93 -22.90 0.60
N GLU A 200 10.39 -21.64 0.54
CA GLU A 200 10.30 -20.77 1.69
C GLU A 200 8.85 -20.34 1.95
N ASN A 201 8.07 -20.17 0.89
CA ASN A 201 6.64 -19.91 1.00
C ASN A 201 5.84 -21.18 1.32
N LYS A 202 6.52 -22.33 1.48
CA LYS A 202 5.85 -23.56 1.89
C LYS A 202 5.68 -23.62 3.41
N LEU A 203 6.70 -23.19 4.16
CA LEU A 203 6.59 -23.14 5.61
C LEU A 203 5.72 -21.99 6.09
N VAL A 204 5.53 -20.95 5.27
CA VAL A 204 4.68 -19.83 5.67
C VAL A 204 3.22 -20.26 5.74
N LYS A 205 2.76 -21.04 4.76
CA LYS A 205 1.37 -21.48 4.75
C LYS A 205 1.10 -22.50 5.86
N LYS A 206 2.07 -23.37 6.14
CA LYS A 206 1.91 -24.36 7.19
C LYS A 206 2.05 -23.76 8.59
N ILE A 207 2.46 -22.50 8.69
CA ILE A 207 2.57 -21.81 9.98
C ILE A 207 1.37 -20.94 10.26
N LYS A 208 0.87 -20.24 9.23
CA LYS A 208 -0.27 -19.35 9.43
C LYS A 208 -1.51 -20.11 9.91
N ASP A 209 -1.64 -21.39 9.54
CA ASP A 209 -2.78 -22.20 9.95
C ASP A 209 -2.61 -22.81 11.34
N ARG A 210 -1.46 -22.60 11.99
CA ARG A 210 -1.18 -23.23 13.28
C ARG A 210 -0.90 -22.22 14.38
N LEU A 211 -1.14 -20.94 14.14
CA LEU A 211 -0.88 -19.91 15.15
C LEU A 211 -2.03 -19.77 16.15
N PRO A 212 -1.69 -19.60 17.44
CA PRO A 212 -0.32 -19.59 17.96
C PRO A 212 0.22 -21.00 18.17
N LEU A 213 1.53 -21.17 17.98
CA LEU A 213 2.13 -22.50 18.08
C LEU A 213 2.00 -23.02 19.50
N ALA A 214 1.50 -24.26 19.63
CA ALA A 214 1.38 -24.93 20.92
C ALA A 214 2.56 -25.87 21.09
N VAL A 215 3.38 -25.62 22.11
CA VAL A 215 4.65 -26.31 22.26
C VAL A 215 4.66 -27.15 23.53
N VAL A 216 5.46 -28.21 23.50
CA VAL A 216 5.76 -29.04 24.66
C VAL A 216 7.28 -29.10 24.80
N GLY A 217 7.76 -29.00 26.03
CA GLY A 217 9.20 -29.04 26.30
C GLY A 217 9.57 -30.22 27.18
N SER A 218 10.74 -30.80 26.92
CA SER A 218 11.27 -31.89 27.72
C SER A 218 12.71 -32.11 27.32
N ASN A 219 13.53 -32.50 28.30
CA ASN A 219 14.91 -32.91 28.08
C ASN A 219 15.12 -34.39 28.40
N THR A 220 14.03 -35.15 28.51
CA THR A 220 14.07 -36.55 28.89
C THR A 220 13.75 -37.42 27.68
N ILE A 221 14.54 -38.47 27.48
CA ILE A 221 14.34 -39.41 26.38
C ILE A 221 13.85 -40.73 26.96
N ILE A 222 12.85 -41.32 26.30
CA ILE A 222 12.26 -42.58 26.72
C ILE A 222 11.97 -43.43 25.48
N GLU A 223 12.02 -44.75 25.66
CA GLU A 223 11.79 -45.68 24.57
C GLU A 223 10.28 -45.85 24.34
N VAL A 224 9.82 -45.50 23.15
CA VAL A 224 8.42 -45.62 22.77
C VAL A 224 8.36 -46.57 21.58
N ASN A 225 8.04 -47.84 21.84
CA ASN A 225 7.97 -48.88 20.81
C ASN A 225 9.29 -48.96 20.04
N GLY A 226 10.38 -49.16 20.78
CA GLY A 226 11.69 -49.31 20.18
C GLY A 226 12.41 -47.99 19.93
N LYS A 227 11.81 -47.12 19.12
CA LYS A 227 12.42 -45.83 18.84
C LYS A 227 12.43 -44.96 20.09
N ARG A 228 13.58 -44.37 20.38
CA ARG A 228 13.73 -43.51 21.55
C ARG A 228 13.37 -42.08 21.17
N VAL A 229 12.35 -41.53 21.82
CA VAL A 229 11.82 -40.21 21.51
C VAL A 229 11.94 -39.35 22.77
N ARG A 230 12.08 -38.04 22.56
CA ARG A 230 12.18 -37.08 23.65
C ARG A 230 10.78 -36.55 23.99
N GLY A 231 10.34 -36.77 25.22
CA GLY A 231 9.01 -36.35 25.61
C GLY A 231 8.75 -36.54 27.09
N ARG A 232 7.48 -36.41 27.45
CA ARG A 232 7.02 -36.46 28.84
C ARG A 232 6.17 -37.71 29.03
N GLN A 233 6.54 -38.55 30.00
CA GLN A 233 5.89 -39.82 30.22
C GLN A 233 4.85 -39.71 31.33
N TYR A 234 3.59 -39.92 30.98
CA TYR A 234 2.48 -40.09 31.89
C TYR A 234 2.12 -41.56 32.03
N PRO A 235 1.37 -41.94 33.07
CA PRO A 235 0.95 -43.35 33.17
C PRO A 235 0.07 -43.80 32.01
N TRP A 236 -0.64 -42.90 31.36
CA TRP A 236 -1.56 -43.26 30.29
C TRP A 236 -0.97 -43.08 28.90
N GLY A 237 0.19 -42.44 28.78
CA GLY A 237 0.79 -42.23 27.48
C GLY A 237 1.98 -41.31 27.58
N VAL A 238 2.62 -41.12 26.42
CA VAL A 238 3.85 -40.32 26.32
C VAL A 238 3.59 -39.19 25.32
N ALA A 239 3.68 -37.95 25.80
CA ALA A 239 3.65 -36.79 24.92
C ALA A 239 5.03 -36.58 24.32
N GLU A 240 5.13 -36.68 23.00
CA GLU A 240 6.40 -36.63 22.30
C GLU A 240 6.67 -35.22 21.79
N VAL A 241 7.85 -34.69 22.12
CA VAL A 241 8.14 -33.28 21.83
C VAL A 241 8.34 -33.08 20.33
N GLU A 242 9.06 -33.99 19.67
CA GLU A 242 9.36 -33.86 18.24
C GLU A 242 8.35 -34.56 17.36
N ASN A 243 7.07 -34.55 17.75
CA ASN A 243 5.99 -35.19 16.99
C ASN A 243 5.00 -34.10 16.61
N GLY A 244 4.92 -33.80 15.31
CA GLY A 244 4.06 -32.72 14.85
C GLY A 244 2.59 -32.91 15.14
N GLU A 245 2.17 -34.15 15.41
CA GLU A 245 0.77 -34.44 15.73
C GLU A 245 0.47 -34.33 17.22
N HIS A 246 1.49 -34.15 18.07
CA HIS A 246 1.29 -33.89 19.48
C HIS A 246 1.43 -32.42 19.84
N CYS A 247 2.39 -31.72 19.24
CA CYS A 247 2.59 -30.30 19.50
C CYS A 247 3.30 -29.69 18.31
N ASP A 248 3.58 -28.38 18.41
CA ASP A 248 4.19 -27.61 17.33
C ASP A 248 5.64 -27.25 17.63
N PHE A 249 6.34 -28.10 18.40
CA PHE A 249 7.71 -27.79 18.76
C PHE A 249 8.64 -27.81 17.55
N THR A 250 8.47 -28.79 16.66
CA THR A 250 9.31 -28.86 15.46
C THR A 250 9.15 -27.61 14.61
N ILE A 251 7.91 -27.16 14.42
CA ILE A 251 7.67 -25.94 13.65
C ILE A 251 8.39 -24.76 14.30
N LEU A 252 8.43 -24.72 15.63
CA LEU A 252 9.12 -23.63 16.32
C LEU A 252 10.62 -23.71 16.09
N ARG A 253 11.22 -24.90 16.29
CA ARG A 253 12.67 -25.02 16.19
C ARG A 253 13.14 -24.78 14.77
N ASN A 254 12.40 -25.27 13.77
CA ASN A 254 12.80 -25.07 12.39
C ASN A 254 12.68 -23.61 11.98
N MET A 255 11.66 -22.91 12.49
CA MET A 255 11.43 -21.52 12.10
C MET A 255 12.29 -20.54 12.89
N LEU A 256 12.95 -20.98 13.95
CA LEU A 256 13.71 -20.08 14.83
C LEU A 256 15.20 -20.11 14.55
N ILE A 257 15.82 -21.31 14.53
CA ILE A 257 17.26 -21.42 14.40
C ILE A 257 17.63 -21.59 12.93
N ARG A 258 17.09 -22.64 12.30
CA ARG A 258 17.57 -23.02 10.97
C ARG A 258 17.17 -22.00 9.91
N THR A 259 15.91 -21.57 9.91
CA THR A 259 15.38 -20.86 8.76
C THR A 259 15.39 -19.34 8.93
N HIS A 260 14.39 -18.79 9.63
CA HIS A 260 14.12 -17.36 9.62
C HIS A 260 14.82 -16.60 10.74
N MET A 261 15.98 -17.08 11.21
CA MET A 261 16.69 -16.32 12.23
C MET A 261 17.22 -15.00 11.69
N GLN A 262 17.79 -15.02 10.48
CA GLN A 262 18.31 -13.79 9.89
C GLN A 262 17.19 -12.79 9.60
N ASP A 263 16.03 -13.27 9.12
CA ASP A 263 14.92 -12.37 8.86
C ASP A 263 14.39 -11.75 10.14
N LEU A 264 14.48 -12.45 11.27
CA LEU A 264 14.16 -11.82 12.54
C LEU A 264 15.15 -10.70 12.85
N LYS A 265 16.43 -10.95 12.59
CA LYS A 265 17.46 -9.93 12.82
C LYS A 265 17.22 -8.70 11.97
N ASP A 266 16.75 -8.89 10.73
CA ASP A 266 16.58 -7.79 9.80
C ASP A 266 15.33 -6.96 10.14
N VAL A 267 14.25 -7.60 10.58
CA VAL A 267 13.07 -6.86 10.98
C VAL A 267 13.37 -5.98 12.19
N THR A 268 14.20 -6.48 13.10
CA THR A 268 14.57 -5.70 14.28
C THR A 268 15.27 -4.41 13.88
N ASN A 269 16.26 -4.52 12.98
CA ASN A 269 17.02 -3.35 12.57
C ASN A 269 16.17 -2.40 11.71
N ASN A 270 15.41 -2.95 10.75
CA ASN A 270 14.75 -2.14 9.75
C ASN A 270 13.40 -1.59 10.18
N VAL A 271 12.70 -2.25 11.10
CA VAL A 271 11.37 -1.85 11.52
C VAL A 271 11.38 -1.24 12.93
N HIS A 272 11.72 -2.04 13.94
CA HIS A 272 11.60 -1.55 15.31
C HIS A 272 12.68 -0.53 15.66
N TYR A 273 13.93 -0.80 15.28
CA TYR A 273 14.98 0.17 15.57
C TYR A 273 14.77 1.46 14.77
N GLU A 274 14.34 1.35 13.51
CA GLU A 274 14.11 2.55 12.72
C GLU A 274 12.92 3.35 13.25
N ASN A 275 11.92 2.67 13.83
CA ASN A 275 10.80 3.40 14.42
C ASN A 275 11.18 4.02 15.75
N TYR A 276 12.03 3.36 16.53
CA TYR A 276 12.54 3.98 17.75
C TYR A 276 13.35 5.22 17.42
N ARG A 277 14.20 5.16 16.40
CA ARG A 277 15.03 6.30 16.02
C ARG A 277 14.15 7.46 15.53
N SER A 278 13.19 7.16 14.66
CA SER A 278 12.32 8.20 14.12
C SER A 278 11.50 8.87 15.21
N ARG A 279 11.22 8.15 16.30
CA ARG A 279 10.48 8.73 17.42
C ARG A 279 11.41 9.51 18.35
N LYS A 280 12.62 9.00 18.58
CA LYS A 280 13.54 9.67 19.49
C LYS A 280 13.97 11.03 18.95
N LEU A 281 14.39 11.07 17.69
CA LEU A 281 14.94 12.30 17.11
C LEU A 281 13.88 13.34 16.80
N ALA A 282 12.60 12.98 16.80
CA ALA A 282 11.54 13.94 16.51
C ALA A 282 11.38 14.98 17.62
N ALA A 283 11.93 14.72 18.80
CA ALA A 283 11.84 15.66 19.90
C ALA A 283 13.21 16.31 20.17
N PHE B 16 20.89 -2.32 -11.24
CA PHE B 16 22.01 -1.64 -10.61
C PHE B 16 22.24 -0.25 -11.21
N GLU B 17 22.74 0.66 -10.41
CA GLU B 17 23.07 2.01 -10.86
C GLU B 17 24.51 2.31 -10.48
N PHE B 18 25.18 3.10 -11.33
CA PHE B 18 26.60 3.34 -11.15
C PHE B 18 26.93 4.79 -11.48
N THR B 19 27.91 5.33 -10.77
CA THR B 19 28.41 6.68 -10.99
C THR B 19 29.89 6.58 -11.32
N LEU B 20 30.23 6.88 -12.57
CA LEU B 20 31.60 6.77 -13.08
C LEU B 20 32.07 8.14 -13.53
N MET B 21 33.25 8.53 -13.06
CA MET B 21 33.84 9.83 -13.38
C MET B 21 35.06 9.66 -14.26
N VAL B 22 35.18 10.51 -15.28
CA VAL B 22 36.34 10.54 -16.16
C VAL B 22 37.06 11.87 -15.96
N VAL B 23 38.38 11.80 -15.84
CA VAL B 23 39.20 12.99 -15.63
C VAL B 23 40.42 12.91 -16.54
N GLY B 24 40.76 14.04 -17.17
CA GLY B 24 41.93 14.10 -18.04
C GLY B 24 41.91 15.30 -18.96
N GLU B 25 43.10 15.75 -19.38
CA GLU B 25 43.14 16.88 -20.30
C GLU B 25 42.48 16.51 -21.62
N SER B 26 42.02 17.54 -22.33
CA SER B 26 41.29 17.33 -23.56
C SER B 26 42.17 16.72 -24.64
N GLY B 27 41.57 15.90 -25.49
CA GLY B 27 42.28 15.24 -26.57
C GLY B 27 42.98 13.96 -26.19
N LEU B 28 42.55 13.28 -25.13
CA LEU B 28 43.11 12.01 -24.72
C LEU B 28 42.20 10.83 -25.07
N GLY B 29 41.25 11.04 -25.99
CA GLY B 29 40.36 9.96 -26.38
C GLY B 29 39.48 9.45 -25.27
N LYS B 30 39.04 10.34 -24.38
CA LYS B 30 38.16 9.93 -23.29
C LYS B 30 36.76 9.63 -23.81
N SER B 31 36.20 10.51 -24.65
CA SER B 31 34.87 10.28 -25.20
C SER B 31 34.83 9.03 -26.05
N THR B 32 35.92 8.72 -26.75
CA THR B 32 35.94 7.52 -27.59
C THR B 32 36.01 6.26 -26.74
N LEU B 33 36.74 6.30 -25.63
CA LEU B 33 36.90 5.11 -24.80
C LEU B 33 35.59 4.74 -24.11
N ILE B 34 34.84 5.74 -23.63
CA ILE B 34 33.58 5.45 -22.95
C ILE B 34 32.58 4.84 -23.91
N ASN B 35 32.46 5.38 -25.12
CA ASN B 35 31.58 4.81 -26.12
C ASN B 35 32.04 3.45 -26.61
N SER B 36 33.33 3.11 -26.40
CA SER B 36 33.80 1.79 -26.79
C SER B 36 33.56 0.76 -25.69
N LEU B 37 33.57 1.20 -24.43
CA LEU B 37 33.28 0.29 -23.33
C LEU B 37 31.80 -0.10 -23.29
N PHE B 38 30.92 0.89 -23.45
CA PHE B 38 29.49 0.70 -23.28
C PHE B 38 28.75 0.51 -24.60
N LEU B 39 29.44 0.62 -25.73
CA LEU B 39 28.87 0.36 -27.05
C LEU B 39 27.61 1.20 -27.30
N THR B 40 27.71 2.49 -27.01
CA THR B 40 26.60 3.40 -27.21
C THR B 40 27.14 4.81 -27.35
N ASP B 41 26.37 5.66 -28.04
CA ASP B 41 26.73 7.06 -28.24
C ASP B 41 26.37 7.86 -26.99
N LEU B 42 27.16 7.66 -25.93
CA LEU B 42 26.90 8.28 -24.64
C LEU B 42 27.35 9.73 -24.57
N TYR B 43 28.05 10.23 -25.59
CA TYR B 43 28.53 11.61 -25.58
C TYR B 43 28.00 12.38 -26.78
N THR B 57 36.79 28.04 -15.14
CA THR B 57 36.62 27.48 -16.48
C THR B 57 36.49 25.96 -16.43
N VAL B 58 36.41 25.40 -15.23
CA VAL B 58 36.27 23.96 -15.04
C VAL B 58 34.88 23.70 -14.47
N GLN B 59 34.02 23.08 -15.27
CA GLN B 59 32.66 22.74 -14.87
C GLN B 59 32.53 21.23 -14.70
N VAL B 60 31.49 20.84 -13.96
CA VAL B 60 31.20 19.43 -13.70
C VAL B 60 29.81 19.14 -14.24
N GLU B 61 29.76 18.42 -15.37
CA GLU B 61 28.51 18.03 -16.00
C GLU B 61 28.32 16.52 -15.91
N GLN B 62 27.06 16.09 -15.93
CA GLN B 62 26.74 14.68 -15.75
C GLN B 62 25.66 14.26 -16.73
N SER B 63 25.69 12.99 -17.10
CA SER B 63 24.73 12.42 -18.03
C SER B 63 24.62 10.93 -17.76
N LYS B 64 23.43 10.38 -17.99
CA LYS B 64 23.15 8.97 -17.74
C LYS B 64 22.64 8.31 -19.01
N VAL B 65 23.09 7.08 -19.25
CA VAL B 65 22.68 6.30 -20.42
C VAL B 65 22.53 4.85 -20.00
N LEU B 66 21.50 4.19 -20.54
CA LEU B 66 21.26 2.79 -20.27
C LEU B 66 22.18 1.91 -21.11
N ILE B 67 22.73 0.87 -20.49
CA ILE B 67 23.67 -0.04 -21.13
C ILE B 67 23.04 -1.42 -21.18
N LYS B 68 23.16 -2.08 -22.34
CA LYS B 68 22.63 -3.43 -22.53
C LYS B 68 23.62 -4.46 -22.00
N VAL B 72 20.22 -9.53 -17.74
CA VAL B 72 20.56 -8.60 -16.67
C VAL B 72 21.20 -7.35 -17.25
N GLN B 73 20.59 -6.19 -17.00
CA GLN B 73 21.10 -4.93 -17.52
C GLN B 73 20.91 -3.84 -16.47
N LEU B 74 21.74 -2.80 -16.59
CA LEU B 74 21.79 -1.74 -15.59
C LEU B 74 22.19 -0.43 -16.26
N LEU B 75 21.94 0.68 -15.57
CA LEU B 75 22.27 2.01 -16.05
C LEU B 75 23.44 2.58 -15.26
N LEU B 76 24.02 3.65 -15.80
CA LEU B 76 25.15 4.32 -15.17
C LEU B 76 24.99 5.83 -15.31
N THR B 77 25.80 6.56 -14.56
CA THR B 77 25.84 8.03 -14.62
C THR B 77 27.28 8.45 -14.82
N ILE B 78 27.56 9.09 -15.95
CA ILE B 78 28.91 9.57 -16.27
C ILE B 78 29.07 10.97 -15.71
N VAL B 79 30.21 11.22 -15.07
CA VAL B 79 30.54 12.53 -14.53
C VAL B 79 31.73 13.06 -15.32
N ASP B 80 31.49 14.07 -16.14
CA ASP B 80 32.54 14.66 -16.96
C ASP B 80 33.21 15.82 -16.23
N THR B 81 34.44 16.12 -16.64
CA THR B 81 35.21 17.26 -16.13
C THR B 81 35.76 18.06 -17.31
N PRO B 82 34.88 18.71 -18.07
CA PRO B 82 35.36 19.45 -19.26
C PRO B 82 36.17 20.66 -18.84
N GLY B 83 37.39 20.76 -19.37
CA GLY B 83 38.28 21.86 -19.08
C GLY B 83 39.35 21.57 -18.06
N PHE B 84 39.51 20.33 -17.63
CA PHE B 84 40.51 19.99 -16.63
C PHE B 84 41.90 20.03 -17.26
N GLY B 85 42.73 20.97 -16.81
CA GLY B 85 44.08 21.06 -17.32
C GLY B 85 44.19 21.47 -18.77
N ASP B 86 43.18 22.17 -19.29
CA ASP B 86 43.18 22.65 -20.66
C ASP B 86 43.62 24.10 -20.79
N ALA B 87 43.67 24.85 -19.70
CA ALA B 87 44.02 26.26 -19.73
C ALA B 87 45.51 26.45 -19.46
N VAL B 88 45.98 27.68 -19.71
CA VAL B 88 47.37 28.02 -19.45
C VAL B 88 47.67 27.87 -17.97
N ASP B 89 46.84 28.46 -17.13
CA ASP B 89 46.95 28.33 -15.68
C ASP B 89 45.97 27.27 -15.20
N ASN B 90 46.49 26.23 -14.54
CA ASN B 90 45.70 25.15 -14.00
C ASN B 90 45.74 25.10 -12.47
N SER B 91 46.03 26.25 -11.85
CA SER B 91 46.07 26.30 -10.39
C SER B 91 44.71 25.93 -9.81
N ASN B 92 44.73 24.98 -8.87
CA ASN B 92 43.52 24.58 -8.12
C ASN B 92 42.40 24.10 -9.04
N CYS B 93 42.76 23.48 -10.17
CA CYS B 93 41.74 22.93 -11.06
C CYS B 93 41.14 21.64 -10.51
N TRP B 94 41.72 21.07 -9.46
CA TRP B 94 41.19 19.90 -8.79
C TRP B 94 40.11 20.23 -7.75
N GLN B 95 39.88 21.51 -7.47
CA GLN B 95 38.87 21.88 -6.49
C GLN B 95 37.46 21.73 -7.05
N PRO B 96 37.17 22.11 -8.30
CA PRO B 96 35.82 21.84 -8.84
C PRO B 96 35.44 20.38 -8.83
N VAL B 97 36.41 19.46 -8.85
CA VAL B 97 36.06 18.04 -8.76
C VAL B 97 36.09 17.56 -7.30
N ILE B 98 36.99 18.09 -6.47
CA ILE B 98 36.95 17.78 -5.04
C ILE B 98 35.64 18.24 -4.44
N ASP B 99 35.20 19.47 -4.77
CA ASP B 99 33.96 20.00 -4.22
C ASP B 99 32.75 19.18 -4.64
N TYR B 100 32.77 18.64 -5.86
CA TYR B 100 31.63 17.86 -6.33
C TYR B 100 31.56 16.50 -5.65
N ILE B 101 32.71 15.84 -5.47
CA ILE B 101 32.74 14.55 -4.79
C ILE B 101 32.31 14.72 -3.33
N ASP B 102 32.90 15.68 -2.62
CA ASP B 102 32.50 15.94 -1.25
C ASP B 102 31.08 16.50 -1.16
N SER B 103 30.52 16.97 -2.27
CA SER B 103 29.13 17.45 -2.25
C SER B 103 28.15 16.28 -2.16
N LYS B 104 28.47 15.17 -2.82
CA LYS B 104 27.61 13.99 -2.77
C LYS B 104 27.77 13.22 -1.47
N PHE B 105 28.92 13.35 -0.80
CA PHE B 105 29.06 12.79 0.54
C PHE B 105 28.22 13.56 1.55
N GLU B 106 28.22 14.90 1.45
CA GLU B 106 27.38 15.70 2.34
C GLU B 106 25.91 15.40 2.13
N ASP B 107 25.51 15.18 0.87
CA ASP B 107 24.12 14.86 0.58
C ASP B 107 23.73 13.51 1.17
N TYR B 108 24.64 12.53 1.13
CA TYR B 108 24.35 11.25 1.75
C TYR B 108 24.41 11.34 3.27
N LEU B 109 25.28 12.18 3.80
CA LEU B 109 25.35 12.36 5.25
C LEU B 109 24.09 13.01 5.80
N ASN B 110 23.45 13.88 5.03
CA ASN B 110 22.19 14.47 5.45
C ASN B 110 21.02 13.53 5.24
N ALA B 111 21.07 12.67 4.21
CA ALA B 111 19.98 11.75 3.97
C ALA B 111 19.87 10.69 5.05
N GLU B 112 20.99 10.28 5.63
CA GLU B 112 20.96 9.30 6.72
C GLU B 112 20.80 9.94 8.10
N SER B 113 20.89 11.27 8.19
CA SER B 113 20.68 11.97 9.45
C SER B 113 19.26 12.46 9.61
N ARG B 114 18.39 12.26 8.63
CA ARG B 114 17.00 12.67 8.73
C ARG B 114 16.26 11.79 9.73
N VAL B 115 15.07 12.26 10.12
CA VAL B 115 14.17 11.45 10.92
C VAL B 115 13.61 10.31 10.08
N ASN B 116 12.92 10.66 8.99
CA ASN B 116 12.40 9.69 8.04
C ASN B 116 13.44 9.50 6.95
N ARG B 117 14.04 8.30 6.92
CA ARG B 117 15.11 7.99 5.96
C ARG B 117 14.85 6.65 5.28
N ARG B 118 13.58 6.36 4.99
CA ARG B 118 13.21 5.09 4.37
C ARG B 118 13.87 4.95 2.99
N GLN B 119 13.62 5.91 2.11
CA GLN B 119 14.24 5.94 0.79
C GLN B 119 15.38 6.95 0.80
N MET B 120 16.55 6.53 0.30
CA MET B 120 17.74 7.37 0.34
C MET B 120 18.37 7.45 -1.05
N PRO B 121 18.61 8.65 -1.56
CA PRO B 121 19.37 8.78 -2.81
C PRO B 121 20.86 8.57 -2.60
N ASP B 122 21.50 7.98 -3.62
CA ASP B 122 22.93 7.66 -3.58
C ASP B 122 23.57 8.22 -4.85
N ASN B 123 24.24 9.37 -4.73
CA ASN B 123 24.89 10.04 -5.85
C ASN B 123 26.40 10.10 -5.70
N ARG B 124 26.96 9.29 -4.80
CA ARG B 124 28.41 9.34 -4.56
C ARG B 124 29.18 8.74 -5.73
N VAL B 125 30.28 9.39 -6.10
CA VAL B 125 31.11 8.91 -7.21
C VAL B 125 31.86 7.67 -6.77
N GLN B 126 31.61 6.55 -7.43
CA GLN B 126 32.14 5.27 -6.98
C GLN B 126 33.44 4.87 -7.67
N CYS B 127 33.80 5.52 -8.78
CA CYS B 127 35.04 5.21 -9.47
C CYS B 127 35.40 6.37 -10.39
N CYS B 128 36.68 6.75 -10.38
CA CYS B 128 37.17 7.84 -11.21
C CYS B 128 38.28 7.32 -12.12
N LEU B 129 38.03 7.32 -13.42
CA LEU B 129 39.06 7.00 -14.39
C LEU B 129 39.90 8.24 -14.64
N TYR B 130 41.19 8.17 -14.33
CA TYR B 130 42.12 9.25 -14.59
C TYR B 130 42.96 8.91 -15.82
N PHE B 131 42.91 9.77 -16.83
CA PHE B 131 43.66 9.59 -18.06
C PHE B 131 45.00 10.30 -17.98
N ILE B 132 46.08 9.57 -18.24
CA ILE B 132 47.43 10.10 -18.23
C ILE B 132 47.91 10.27 -19.67
N ALA B 133 48.41 11.46 -20.01
CA ALA B 133 48.87 11.71 -21.36
C ALA B 133 50.06 10.80 -21.69
N PRO B 134 50.08 10.20 -22.88
CA PRO B 134 51.19 9.30 -23.22
C PRO B 134 52.50 10.02 -23.47
N SER B 135 53.18 10.38 -22.37
CA SER B 135 54.47 11.07 -22.48
C SER B 135 55.59 10.10 -22.82
N GLY B 136 55.83 9.12 -21.94
CA GLY B 136 56.92 8.18 -22.08
C GLY B 136 58.05 8.39 -21.11
N HIS B 137 58.05 9.51 -20.37
CA HIS B 137 59.09 9.81 -19.39
C HIS B 137 58.64 9.50 -17.96
N GLY B 138 57.63 10.20 -17.47
CA GLY B 138 57.13 10.00 -16.12
C GLY B 138 55.71 10.49 -15.94
N LEU B 139 55.47 11.24 -14.88
CA LEU B 139 54.16 11.82 -14.61
C LEU B 139 54.26 13.34 -14.60
N LYS B 140 53.27 13.99 -15.20
CA LYS B 140 53.17 15.44 -15.11
C LYS B 140 52.90 15.84 -13.65
N PRO B 141 53.44 16.99 -13.21
CA PRO B 141 53.10 17.46 -11.85
C PRO B 141 51.63 17.71 -11.65
N LEU B 142 50.86 17.89 -12.72
CA LEU B 142 49.41 17.95 -12.58
C LEU B 142 48.83 16.58 -12.23
N ASP B 143 49.43 15.51 -12.75
CA ASP B 143 48.94 14.17 -12.43
C ASP B 143 49.27 13.78 -10.99
N ILE B 144 50.47 14.14 -10.53
CA ILE B 144 50.86 13.81 -9.17
C ILE B 144 50.03 14.59 -8.17
N GLU B 145 49.86 15.89 -8.41
CA GLU B 145 49.05 16.70 -7.49
C GLU B 145 47.58 16.35 -7.54
N PHE B 146 47.12 15.64 -8.58
CA PHE B 146 45.73 15.22 -8.62
C PHE B 146 45.51 13.93 -7.86
N MET B 147 46.30 12.89 -8.16
CA MET B 147 46.12 11.61 -7.49
C MET B 147 46.50 11.70 -6.01
N LYS B 148 47.46 12.55 -5.66
CA LYS B 148 47.80 12.75 -4.27
C LYS B 148 46.72 13.51 -3.50
N ARG B 149 45.76 14.11 -4.20
CA ARG B 149 44.74 14.92 -3.56
C ARG B 149 43.32 14.36 -3.70
N LEU B 150 43.14 13.21 -4.34
CA LEU B 150 41.82 12.60 -4.45
C LEU B 150 41.82 11.11 -4.19
N HIS B 151 42.96 10.50 -3.86
CA HIS B 151 43.01 9.05 -3.65
C HIS B 151 42.29 8.63 -2.38
N GLU B 152 42.00 9.56 -1.48
CA GLU B 152 41.24 9.26 -0.28
C GLU B 152 39.81 9.75 -0.34
N LYS B 153 39.38 10.24 -1.50
CA LYS B 153 38.01 10.71 -1.70
C LYS B 153 37.27 9.97 -2.80
N VAL B 154 37.94 9.14 -3.59
CA VAL B 154 37.30 8.41 -4.68
C VAL B 154 38.22 7.27 -5.09
N ASN B 155 37.65 6.22 -5.67
CA ASN B 155 38.43 5.11 -6.20
C ASN B 155 39.07 5.54 -7.53
N ILE B 156 40.36 5.80 -7.51
CA ILE B 156 41.08 6.26 -8.69
C ILE B 156 41.64 5.06 -9.43
N ILE B 157 41.39 4.99 -10.74
CA ILE B 157 42.00 4.00 -11.61
C ILE B 157 42.77 4.73 -12.70
N PRO B 158 44.10 4.67 -12.69
CA PRO B 158 44.88 5.35 -13.74
C PRO B 158 44.85 4.56 -15.05
N LEU B 159 44.83 5.30 -16.16
CA LEU B 159 44.80 4.71 -17.49
C LEU B 159 45.80 5.45 -18.37
N ILE B 160 46.55 4.68 -19.16
CA ILE B 160 47.47 5.27 -20.14
C ILE B 160 46.66 5.59 -21.40
N ALA B 161 46.47 6.89 -21.65
CA ALA B 161 45.69 7.30 -22.81
C ALA B 161 46.50 7.10 -24.09
N LYS B 162 45.79 6.76 -25.17
CA LYS B 162 46.39 6.57 -26.49
C LYS B 162 47.57 5.60 -26.42
N ALA B 163 47.24 4.34 -26.14
CA ALA B 163 48.27 3.32 -25.98
C ALA B 163 49.08 3.09 -27.26
N ASP B 164 48.51 3.40 -28.43
CA ASP B 164 49.22 3.23 -29.69
C ASP B 164 50.29 4.29 -29.90
N THR B 165 50.35 5.33 -29.07
CA THR B 165 51.42 6.32 -29.15
C THR B 165 52.75 5.76 -28.66
N LEU B 166 52.72 4.69 -27.87
CA LEU B 166 53.93 4.10 -27.30
C LEU B 166 54.17 2.73 -27.91
N THR B 167 55.43 2.43 -28.21
CA THR B 167 55.80 1.09 -28.64
C THR B 167 55.80 0.14 -27.45
N PRO B 168 55.73 -1.17 -27.69
CA PRO B 168 55.80 -2.13 -26.57
C PRO B 168 56.97 -1.90 -25.63
N GLU B 169 58.15 -1.57 -26.16
CA GLU B 169 59.30 -1.32 -25.29
C GLU B 169 59.09 -0.06 -24.45
N GLU B 170 58.65 1.02 -25.08
CA GLU B 170 58.37 2.25 -24.33
C GLU B 170 57.22 2.08 -23.36
N CYS B 171 56.24 1.23 -23.69
CA CYS B 171 55.09 1.06 -22.83
C CYS B 171 55.46 0.34 -21.54
N GLN B 172 56.39 -0.62 -21.62
CA GLN B 172 56.86 -1.27 -20.40
C GLN B 172 57.70 -0.32 -19.57
N GLN B 173 58.46 0.57 -20.22
CA GLN B 173 59.22 1.57 -19.49
C GLN B 173 58.30 2.60 -18.86
N PHE B 174 57.23 2.98 -19.55
CA PHE B 174 56.27 3.96 -19.06
C PHE B 174 55.33 3.39 -17.99
N LYS B 175 55.67 2.25 -17.41
CA LYS B 175 54.95 1.74 -16.25
C LYS B 175 55.84 1.60 -15.02
N LYS B 176 57.06 1.08 -15.20
CA LYS B 176 58.00 1.01 -14.09
C LYS B 176 58.33 2.39 -13.53
N GLN B 177 58.22 3.43 -14.36
CA GLN B 177 58.47 4.78 -13.89
C GLN B 177 57.24 5.37 -13.19
N ILE B 178 56.04 5.13 -13.73
CA ILE B 178 54.83 5.67 -13.14
C ILE B 178 54.58 5.03 -11.78
N MET B 179 54.78 3.72 -11.67
CA MET B 179 54.56 3.04 -10.39
C MET B 179 55.57 3.47 -9.34
N LYS B 180 56.77 3.87 -9.75
CA LYS B 180 57.75 4.38 -8.80
C LYS B 180 57.30 5.71 -8.21
N GLU B 181 56.82 6.62 -9.05
CA GLU B 181 56.33 7.91 -8.56
C GLU B 181 55.07 7.74 -7.71
N ILE B 182 54.22 6.79 -8.06
CA ILE B 182 53.07 6.47 -7.23
C ILE B 182 53.53 5.95 -5.87
N GLN B 183 54.56 5.11 -5.86
CA GLN B 183 55.11 4.61 -4.60
C GLN B 183 55.86 5.73 -3.85
N GLU B 184 56.46 6.66 -4.57
CA GLU B 184 57.21 7.74 -3.91
C GLU B 184 56.27 8.69 -3.19
N HIS B 185 55.28 9.23 -3.89
CA HIS B 185 54.32 10.17 -3.30
C HIS B 185 53.29 9.50 -2.42
N LYS B 186 53.37 8.18 -2.24
CA LYS B 186 52.52 7.44 -1.30
C LYS B 186 51.04 7.65 -1.61
N ILE B 187 50.69 7.61 -2.89
CA ILE B 187 49.30 7.68 -3.32
C ILE B 187 48.76 6.27 -3.43
N LYS B 188 47.46 6.12 -3.19
CA LYS B 188 46.82 4.81 -3.15
C LYS B 188 45.74 4.75 -4.22
N ILE B 189 45.96 3.92 -5.25
CA ILE B 189 44.94 3.69 -6.26
C ILE B 189 44.04 2.56 -5.79
N TYR B 190 43.15 2.10 -6.66
CA TYR B 190 42.18 1.06 -6.32
C TYR B 190 42.80 -0.30 -6.54
N GLU B 191 43.07 -1.02 -5.45
CA GLU B 191 43.54 -2.40 -5.55
C GLU B 191 42.34 -3.34 -5.69
N PHE B 192 42.45 -4.30 -6.59
CA PHE B 192 41.35 -5.23 -6.82
C PHE B 192 41.42 -6.37 -5.80
N PRO B 193 40.32 -6.68 -5.10
CA PRO B 193 40.31 -7.73 -4.09
C PRO B 193 40.35 -9.12 -4.70
N ASN B 201 40.87 -14.16 -8.27
CA ASN B 201 42.15 -14.83 -8.06
C ASN B 201 43.06 -14.65 -9.26
N LYS B 202 42.79 -15.44 -10.31
CA LYS B 202 43.59 -15.34 -11.53
C LYS B 202 43.36 -14.03 -12.26
N LEU B 203 42.14 -13.48 -12.16
CA LEU B 203 41.85 -12.21 -12.81
C LEU B 203 42.50 -11.04 -12.09
N VAL B 204 42.69 -11.15 -10.77
CA VAL B 204 43.33 -10.07 -10.03
C VAL B 204 44.84 -10.06 -10.29
N LYS B 205 45.44 -11.23 -10.52
CA LYS B 205 46.87 -11.28 -10.79
C LYS B 205 47.20 -10.71 -12.17
N LYS B 206 46.28 -10.86 -13.13
CA LYS B 206 46.52 -10.32 -14.46
C LYS B 206 46.43 -8.81 -14.48
N ILE B 207 45.51 -8.24 -13.69
CA ILE B 207 45.34 -6.79 -13.67
C ILE B 207 46.48 -6.12 -12.91
N LYS B 208 46.91 -6.73 -11.79
CA LYS B 208 47.95 -6.13 -10.97
C LYS B 208 49.29 -6.10 -11.70
N ASP B 209 49.57 -7.13 -12.51
CA ASP B 209 50.86 -7.17 -13.21
C ASP B 209 50.92 -6.15 -14.33
N ARG B 210 49.85 -6.04 -15.13
CA ARG B 210 49.85 -5.13 -16.27
C ARG B 210 49.00 -3.89 -15.95
N LEU B 211 49.59 -3.01 -15.14
CA LEU B 211 48.98 -1.72 -14.84
C LEU B 211 50.05 -0.63 -14.71
N PRO B 212 49.68 0.64 -14.95
CA PRO B 212 48.37 1.18 -15.36
C PRO B 212 47.91 0.69 -16.74
N LEU B 213 46.62 0.40 -16.84
CA LEU B 213 46.06 -0.15 -18.07
C LEU B 213 46.20 0.84 -19.22
N ALA B 214 46.92 0.43 -20.26
CA ALA B 214 47.02 1.21 -21.49
C ALA B 214 45.89 0.81 -22.42
N VAL B 215 45.06 1.78 -22.82
CA VAL B 215 43.82 1.50 -23.52
C VAL B 215 43.81 2.21 -24.87
N VAL B 216 42.88 1.78 -25.73
CA VAL B 216 42.70 2.33 -27.06
C VAL B 216 41.21 2.41 -27.35
N GLY B 217 40.77 3.52 -27.92
CA GLY B 217 39.36 3.72 -28.27
C GLY B 217 39.11 3.47 -29.74
N SER B 218 37.96 2.87 -30.05
CA SER B 218 37.66 2.43 -31.41
C SER B 218 36.58 3.26 -32.07
N ASN B 219 35.31 2.93 -31.80
CA ASN B 219 34.11 3.52 -32.38
C ASN B 219 33.93 3.18 -33.86
N THR B 220 34.87 2.49 -34.48
CA THR B 220 34.73 2.02 -35.86
C THR B 220 35.21 0.57 -35.94
N ILE B 221 34.86 -0.09 -37.03
CA ILE B 221 35.13 -1.51 -37.21
C ILE B 221 35.92 -1.72 -38.49
N ILE B 222 36.95 -2.55 -38.42
CA ILE B 222 37.88 -2.80 -39.52
C ILE B 222 37.96 -4.29 -39.77
N GLU B 223 37.93 -4.68 -41.05
CA GLU B 223 38.09 -6.08 -41.42
C GLU B 223 39.55 -6.47 -41.36
N VAL B 224 39.85 -7.60 -40.73
CA VAL B 224 41.22 -8.09 -40.58
C VAL B 224 41.22 -9.59 -40.40
N ARG B 228 36.98 -8.50 -38.80
CA ARG B 228 35.96 -7.48 -38.57
C ARG B 228 35.99 -6.97 -37.13
N VAL B 229 37.20 -6.80 -36.58
CA VAL B 229 37.38 -6.36 -35.20
C VAL B 229 37.47 -4.85 -35.16
N ARG B 230 36.93 -4.25 -34.10
CA ARG B 230 36.96 -2.80 -33.95
C ARG B 230 38.36 -2.32 -33.61
N GLY B 231 38.76 -1.22 -34.23
CA GLY B 231 40.09 -0.68 -33.98
C GLY B 231 40.32 0.61 -34.72
N ARG B 232 41.59 0.94 -34.90
CA ARG B 232 42.03 2.15 -35.60
C ARG B 232 42.82 1.78 -36.83
N GLN B 233 42.57 2.48 -37.93
CA GLN B 233 43.15 2.14 -39.23
C GLN B 233 44.30 3.10 -39.55
N TYR B 234 45.53 2.58 -39.52
CA TYR B 234 46.69 3.31 -39.99
C TYR B 234 47.07 2.86 -41.40
N PRO B 235 47.73 3.73 -42.17
CA PRO B 235 48.26 3.28 -43.47
C PRO B 235 49.32 2.18 -43.34
N TRP B 236 49.80 1.91 -42.14
CA TRP B 236 50.86 0.93 -41.91
C TRP B 236 50.42 -0.20 -40.98
N GLY B 237 49.13 -0.41 -40.83
CA GLY B 237 48.63 -1.46 -39.96
C GLY B 237 47.31 -1.05 -39.34
N VAL B 238 46.81 -1.93 -38.48
CA VAL B 238 45.54 -1.74 -37.80
C VAL B 238 45.71 -2.10 -36.33
N ALA B 239 45.48 -1.12 -35.45
CA ALA B 239 45.58 -1.33 -34.01
C ALA B 239 44.25 -1.88 -33.49
N GLU B 240 44.26 -3.15 -33.09
CA GLU B 240 43.05 -3.80 -32.61
C GLU B 240 42.80 -3.45 -31.15
N VAL B 241 41.52 -3.27 -30.80
CA VAL B 241 41.13 -2.81 -29.47
C VAL B 241 40.94 -3.99 -28.53
N GLU B 242 40.03 -4.91 -28.90
CA GLU B 242 39.79 -6.11 -28.11
C GLU B 242 40.88 -7.15 -28.38
N ASN B 243 42.12 -6.77 -28.04
CA ASN B 243 43.28 -7.62 -28.29
C ASN B 243 44.31 -7.33 -27.21
N GLY B 244 44.60 -8.35 -26.40
CA GLY B 244 45.54 -8.16 -25.30
C GLY B 244 46.96 -7.90 -25.76
N GLU B 245 47.35 -8.45 -26.91
CA GLU B 245 48.71 -8.28 -27.40
C GLU B 245 49.02 -6.85 -27.79
N HIS B 246 48.00 -6.03 -28.07
CA HIS B 246 48.20 -4.63 -28.43
C HIS B 246 48.10 -3.73 -27.20
N CYS B 247 46.93 -3.65 -26.59
CA CYS B 247 46.69 -2.76 -25.47
C CYS B 247 46.02 -3.52 -24.34
N ASP B 248 45.47 -2.79 -23.37
CA ASP B 248 44.79 -3.39 -22.23
C ASP B 248 43.37 -2.88 -22.13
N PHE B 249 42.63 -2.92 -23.24
CA PHE B 249 41.23 -2.49 -23.21
C PHE B 249 40.34 -3.53 -22.54
N THR B 250 40.52 -4.80 -22.91
CA THR B 250 39.64 -5.85 -22.41
C THR B 250 39.80 -6.05 -20.91
N ILE B 251 41.03 -5.95 -20.41
CA ILE B 251 41.26 -6.08 -18.97
C ILE B 251 40.53 -4.97 -18.22
N LEU B 252 40.53 -3.76 -18.79
CA LEU B 252 39.73 -2.68 -18.20
C LEU B 252 38.24 -2.99 -18.31
N ARG B 253 37.82 -3.59 -19.42
CA ARG B 253 36.43 -3.98 -19.58
C ARG B 253 36.06 -5.20 -18.74
N ASN B 254 37.04 -6.04 -18.38
CA ASN B 254 36.75 -7.13 -17.47
C ASN B 254 36.31 -6.62 -16.12
N MET B 255 36.99 -5.59 -15.60
CA MET B 255 36.49 -4.87 -14.44
C MET B 255 35.28 -4.03 -14.84
N LEU B 256 34.70 -3.36 -13.85
CA LEU B 256 33.49 -2.56 -14.05
C LEU B 256 32.32 -3.42 -14.56
N ILE B 257 32.26 -4.68 -14.13
CA ILE B 257 31.15 -5.57 -14.46
C ILE B 257 30.18 -5.56 -13.30
N ARG B 258 29.09 -6.33 -13.42
CA ARG B 258 28.08 -6.36 -12.36
C ARG B 258 28.67 -6.79 -11.02
N THR B 259 29.71 -7.62 -11.05
CA THR B 259 30.35 -8.09 -9.82
C THR B 259 31.51 -7.20 -9.38
N HIS B 260 32.21 -6.56 -10.32
CA HIS B 260 33.35 -5.72 -9.98
C HIS B 260 32.95 -4.30 -9.62
N MET B 261 31.73 -3.87 -9.95
CA MET B 261 31.25 -2.57 -9.53
C MET B 261 30.79 -2.55 -8.07
N GLN B 262 30.41 -3.70 -7.52
CA GLN B 262 29.95 -3.73 -6.13
C GLN B 262 31.10 -3.45 -5.17
N ASP B 263 32.27 -4.02 -5.43
CA ASP B 263 33.43 -3.71 -4.59
C ASP B 263 33.85 -2.25 -4.75
N LEU B 264 33.68 -1.69 -5.95
CA LEU B 264 33.84 -0.26 -6.11
C LEU B 264 32.81 0.51 -5.29
N LYS B 265 31.59 -0.04 -5.21
CA LYS B 265 30.56 0.58 -4.37
C LYS B 265 30.83 0.31 -2.89
N ASP B 266 31.30 -0.89 -2.56
CA ASP B 266 31.56 -1.21 -1.16
C ASP B 266 32.69 -0.36 -0.60
N VAL B 267 33.74 -0.13 -1.38
CA VAL B 267 34.84 0.72 -0.92
C VAL B 267 34.38 2.16 -0.82
N THR B 268 33.50 2.59 -1.74
CA THR B 268 33.04 3.98 -1.73
C THR B 268 32.28 4.31 -0.46
N ASN B 269 31.35 3.44 -0.08
CA ASN B 269 30.55 3.67 1.11
C ASN B 269 31.35 3.40 2.38
N ASN B 270 32.03 2.25 2.44
CA ASN B 270 32.64 1.81 3.70
C ASN B 270 33.90 2.60 4.04
N VAL B 271 34.65 3.07 3.04
CA VAL B 271 35.95 3.71 3.25
C VAL B 271 35.87 5.20 2.93
N HIS B 272 35.56 5.56 1.68
CA HIS B 272 35.59 6.96 1.28
C HIS B 272 34.51 7.77 1.97
N TYR B 273 33.29 7.23 2.06
CA TYR B 273 32.21 7.97 2.72
C TYR B 273 32.43 8.05 4.22
N GLU B 274 32.87 6.95 4.84
CA GLU B 274 33.07 6.95 6.29
C GLU B 274 34.23 7.83 6.72
N ASN B 275 35.28 7.94 5.89
CA ASN B 275 36.38 8.83 6.24
C ASN B 275 35.98 10.30 6.13
N TYR B 276 35.11 10.62 5.15
CA TYR B 276 34.59 11.98 5.08
C TYR B 276 33.72 12.30 6.29
N ARG B 277 32.91 11.34 6.73
CA ARG B 277 32.04 11.54 7.88
C ARG B 277 32.85 11.77 9.15
N SER B 278 33.83 10.91 9.41
CA SER B 278 34.65 11.05 10.59
C SER B 278 35.35 12.41 10.63
N ARG B 279 35.79 12.90 9.47
CA ARG B 279 36.50 14.17 9.41
C ARG B 279 35.55 15.35 9.57
N LYS B 280 34.37 15.26 8.96
CA LYS B 280 33.42 16.37 9.03
C LYS B 280 32.81 16.51 10.42
N LEU B 281 32.44 15.38 11.04
CA LEU B 281 31.80 15.44 12.36
C LEU B 281 32.77 15.86 13.45
N ALA B 282 34.06 15.60 13.27
CA ALA B 282 35.04 15.98 14.27
C ALA B 282 35.38 17.46 14.25
N ALA B 283 35.05 18.15 13.16
CA ALA B 283 35.32 19.58 13.03
C ALA B 283 34.48 20.39 14.02
N GLY C 2 -27.33 12.86 -5.82
CA GLY C 2 -27.94 12.02 -4.80
C GLY C 2 -28.06 10.57 -5.21
N PHE C 3 -28.58 9.74 -4.30
CA PHE C 3 -28.71 8.31 -4.55
C PHE C 3 -29.98 7.78 -3.88
N ASP C 4 -30.38 6.58 -4.28
CA ASP C 4 -31.53 5.89 -3.73
C ASP C 4 -31.10 4.91 -2.65
N PHE C 5 -32.00 4.66 -1.69
CA PHE C 5 -31.76 3.65 -0.66
C PHE C 5 -33.09 3.14 -0.14
N ASN C 6 -33.27 1.82 -0.20
CA ASN C 6 -34.51 1.16 0.19
C ASN C 6 -34.22 0.24 1.39
N ILE C 7 -34.90 0.49 2.51
CA ILE C 7 -34.73 -0.31 3.71
C ILE C 7 -36.07 -0.90 4.10
N MET C 8 -36.05 -2.17 4.51
CA MET C 8 -37.25 -2.90 4.88
C MET C 8 -37.16 -3.36 6.33
N VAL C 9 -38.25 -3.20 7.07
CA VAL C 9 -38.35 -3.69 8.45
C VAL C 9 -39.35 -4.84 8.49
N VAL C 10 -38.95 -5.92 9.14
N VAL C 10 -38.95 -5.93 9.13
CA VAL C 10 -39.78 -7.12 9.26
CA VAL C 10 -39.79 -7.12 9.25
C VAL C 10 -39.83 -7.53 10.73
C VAL C 10 -39.82 -7.55 10.71
N GLY C 11 -41.02 -7.81 11.22
CA GLY C 11 -41.17 -8.25 12.59
C GLY C 11 -42.62 -8.24 13.00
N GLN C 12 -42.88 -8.87 14.14
CA GLN C 12 -44.21 -8.84 14.73
C GLN C 12 -44.61 -7.40 15.04
N SER C 13 -45.92 -7.14 15.01
CA SER C 13 -46.42 -5.80 15.29
C SER C 13 -46.20 -5.45 16.75
N GLY C 14 -45.60 -4.29 16.99
CA GLY C 14 -45.37 -3.82 18.34
C GLY C 14 -43.99 -4.15 18.86
N LEU C 15 -42.98 -4.05 17.98
CA LEU C 15 -41.59 -4.28 18.35
C LEU C 15 -40.76 -3.02 18.28
N GLY C 16 -41.37 -1.87 18.01
CA GLY C 16 -40.64 -0.63 17.85
C GLY C 16 -40.08 -0.41 16.46
N LYS C 17 -40.61 -1.11 15.45
CA LYS C 17 -40.04 -1.03 14.11
C LYS C 17 -40.11 0.39 13.55
N SER C 18 -41.30 0.97 13.48
CA SER C 18 -41.44 2.31 12.94
C SER C 18 -40.82 3.37 13.83
N THR C 19 -40.70 3.11 15.14
CA THR C 19 -40.02 4.06 16.01
C THR C 19 -38.52 4.03 15.76
N LEU C 20 -37.95 2.84 15.53
CA LEU C 20 -36.52 2.75 15.28
C LEU C 20 -36.14 3.42 13.97
N VAL C 21 -36.94 3.21 12.92
CA VAL C 21 -36.64 3.81 11.63
C VAL C 21 -36.59 5.32 11.75
N ASN C 22 -37.50 5.90 12.53
CA ASN C 22 -37.46 7.34 12.78
C ASN C 22 -36.23 7.76 13.58
N THR C 23 -35.65 6.85 14.35
CA THR C 23 -34.44 7.19 15.09
C THR C 23 -33.20 7.09 14.21
N LEU C 24 -33.14 6.06 13.36
CA LEU C 24 -32.03 5.92 12.42
C LEU C 24 -31.81 7.18 11.59
N PHE C 25 -32.88 7.67 10.98
CA PHE C 25 -32.81 8.80 10.06
C PHE C 25 -33.14 10.13 10.73
N LYS C 26 -33.34 10.13 12.04
CA LYS C 26 -33.62 11.36 12.81
C LYS C 26 -34.73 12.19 12.17
N SER C 27 -35.65 11.52 11.48
CA SER C 27 -36.73 12.18 10.77
C SER C 27 -37.97 11.30 10.84
N GLN C 28 -39.12 11.93 10.66
CA GLN C 28 -40.40 11.22 10.65
C GLN C 28 -40.63 10.57 9.28
N VAL C 29 -39.77 9.60 8.97
CA VAL C 29 -39.85 8.87 7.70
C VAL C 29 -40.70 7.62 7.79
N SER C 30 -41.12 7.22 8.99
CA SER C 30 -41.97 6.05 9.11
C SER C 30 -43.32 6.31 8.42
N ARG C 31 -43.94 5.22 7.98
CA ARG C 31 -45.23 5.32 7.30
C ARG C 31 -46.28 5.96 8.19
N LYS C 32 -46.22 5.70 9.50
CA LYS C 32 -47.20 6.21 10.47
C LYS C 32 -46.73 7.57 10.97
N ALA C 33 -47.50 8.63 10.67
CA ALA C 33 -47.03 9.98 10.91
C ALA C 33 -48.03 10.95 11.52
N SER C 34 -49.33 10.66 11.54
CA SER C 34 -50.31 11.66 11.98
C SER C 34 -51.39 11.00 12.83
N SER C 35 -51.42 11.33 14.11
CA SER C 35 -52.52 10.98 15.03
C SER C 35 -52.88 9.50 15.00
N TRP C 36 -54.13 9.20 14.67
CA TRP C 36 -54.65 7.84 14.71
C TRP C 36 -54.02 6.92 13.66
N ASN C 37 -53.33 7.48 12.68
CA ASN C 37 -52.60 6.65 11.71
C ASN C 37 -51.51 5.82 12.37
N ARG C 38 -51.02 6.25 13.53
CA ARG C 38 -50.05 5.45 14.29
C ARG C 38 -50.72 4.23 14.90
N GLU C 39 -51.96 4.39 15.40
CA GLU C 39 -52.76 3.29 15.93
C GLU C 39 -53.47 2.62 14.76
N GLU C 40 -52.79 1.65 14.15
CA GLU C 40 -53.23 1.02 12.91
C GLU C 40 -53.76 -0.39 13.20
N LYS C 41 -54.74 -0.82 12.41
CA LYS C 41 -55.26 -2.17 12.52
C LYS C 41 -54.30 -3.15 11.86
N ILE C 42 -54.32 -4.39 12.36
CA ILE C 42 -53.48 -5.47 11.84
C ILE C 42 -54.21 -6.11 10.66
N PRO C 43 -53.61 -6.16 9.48
CA PRO C 43 -54.26 -6.81 8.34
C PRO C 43 -54.39 -8.31 8.56
N LYS C 44 -55.33 -8.91 7.83
CA LYS C 44 -55.51 -10.35 7.94
C LYS C 44 -54.45 -11.15 7.18
N THR C 45 -53.83 -10.56 6.18
CA THR C 45 -52.72 -11.16 5.45
C THR C 45 -51.50 -10.23 5.55
N VAL C 46 -50.38 -10.70 5.02
CA VAL C 46 -49.16 -9.89 5.00
C VAL C 46 -49.26 -8.91 3.84
N GLU C 47 -49.26 -7.62 4.16
CA GLU C 47 -49.29 -6.56 3.17
C GLU C 47 -47.95 -5.83 3.14
N ILE C 48 -47.55 -5.39 1.95
CA ILE C 48 -46.28 -4.67 1.77
C ILE C 48 -46.61 -3.22 1.48
N LYS C 49 -46.05 -2.33 2.30
CA LYS C 49 -46.30 -0.90 2.17
C LYS C 49 -44.98 -0.16 2.16
N ALA C 50 -44.92 0.92 1.38
CA ALA C 50 -43.70 1.71 1.25
C ALA C 50 -44.04 3.19 1.26
N ILE C 51 -43.07 3.99 1.70
CA ILE C 51 -43.19 5.44 1.75
C ILE C 51 -41.83 6.04 1.39
N GLY C 52 -41.85 7.17 0.69
CA GLY C 52 -40.63 7.78 0.18
C GLY C 52 -40.36 9.14 0.81
N HIS C 53 -39.08 9.39 1.09
CA HIS C 53 -38.63 10.68 1.62
C HIS C 53 -37.28 11.02 1.03
N VAL C 54 -37.04 12.32 0.85
CA VAL C 54 -35.74 12.84 0.41
C VAL C 54 -35.05 13.47 1.62
N ILE C 55 -33.93 12.87 2.02
CA ILE C 55 -33.14 13.33 3.16
C ILE C 55 -31.89 13.99 2.60
N GLU C 56 -31.73 15.28 2.88
CA GLU C 56 -30.59 16.04 2.39
C GLU C 56 -29.59 16.23 3.51
N GLU C 57 -28.31 15.95 3.23
CA GLU C 57 -27.20 16.08 4.20
C GLU C 57 -26.00 16.74 3.55
N GLY C 58 -26.20 17.94 3.02
CA GLY C 58 -25.14 18.69 2.40
C GLY C 58 -24.75 18.16 1.04
N GLY C 59 -25.67 18.26 0.07
CA GLY C 59 -25.43 17.76 -1.27
C GLY C 59 -25.68 16.27 -1.44
N VAL C 60 -25.83 15.52 -0.35
CA VAL C 60 -26.11 14.10 -0.43
C VAL C 60 -27.61 13.86 -0.33
N LYS C 61 -28.34 14.18 -1.40
CA LYS C 61 -29.78 13.98 -1.42
C LYS C 61 -30.11 12.49 -1.48
N MET C 62 -30.25 11.86 -0.33
CA MET C 62 -30.63 10.45 -0.27
C MET C 62 -32.13 10.33 -0.53
N LYS C 63 -32.49 9.57 -1.56
CA LYS C 63 -33.90 9.27 -1.85
C LYS C 63 -34.25 8.01 -1.07
N LEU C 64 -34.80 8.19 0.13
CA LEU C 64 -35.06 7.08 1.04
C LEU C 64 -36.46 6.52 0.84
N THR C 65 -36.55 5.19 0.80
CA THR C 65 -37.83 4.50 0.79
C THR C 65 -37.83 3.45 1.91
N VAL C 66 -38.72 3.61 2.86
CA VAL C 66 -38.91 2.63 3.92
C VAL C 66 -40.05 1.70 3.52
N ILE C 67 -39.78 0.39 3.58
CA ILE C 67 -40.76 -0.63 3.25
C ILE C 67 -41.04 -1.42 4.52
N ASP C 68 -42.30 -1.45 4.95
CA ASP C 68 -42.68 -2.25 6.10
C ASP C 68 -43.68 -3.32 5.67
N THR C 69 -43.79 -4.35 6.50
CA THR C 69 -44.61 -5.53 6.20
C THR C 69 -45.62 -5.74 7.32
N PRO C 70 -46.70 -4.94 7.35
CA PRO C 70 -47.74 -5.15 8.36
C PRO C 70 -48.40 -6.51 8.19
N GLY C 71 -48.65 -7.17 9.32
CA GLY C 71 -49.31 -8.46 9.33
C GLY C 71 -48.38 -9.66 9.43
N PHE C 72 -47.08 -9.44 9.49
CA PHE C 72 -46.13 -10.54 9.61
C PHE C 72 -46.13 -11.04 11.06
N GLY C 73 -46.33 -12.34 11.22
CA GLY C 73 -46.29 -12.95 12.54
C GLY C 73 -47.39 -12.49 13.48
N ASP C 74 -48.45 -11.88 12.95
CA ASP C 74 -49.51 -11.31 13.76
C ASP C 74 -50.80 -12.12 13.72
N GLN C 75 -50.88 -13.15 12.89
CA GLN C 75 -52.06 -13.98 12.79
C GLN C 75 -51.94 -15.20 13.67
N ILE C 76 -53.06 -15.90 13.85
CA ILE C 76 -53.04 -17.19 14.53
C ILE C 76 -52.20 -18.18 13.72
N ASN C 77 -52.41 -18.22 12.41
CA ASN C 77 -51.70 -19.11 11.50
C ASN C 77 -50.81 -18.26 10.60
N ASN C 78 -49.51 -18.21 10.93
CA ASN C 78 -48.54 -17.46 10.16
C ASN C 78 -47.79 -18.33 9.16
N GLU C 79 -48.37 -19.45 8.76
CA GLU C 79 -47.71 -20.38 7.85
C GLU C 79 -47.42 -19.72 6.51
N ASN C 80 -46.18 -19.85 6.04
CA ASN C 80 -45.75 -19.31 4.76
C ASN C 80 -45.98 -17.81 4.66
N CYS C 81 -45.89 -17.09 5.78
CA CYS C 81 -46.05 -15.64 5.73
C CYS C 81 -44.80 -14.92 5.25
N TRP C 82 -43.69 -15.63 5.07
CA TRP C 82 -42.49 -15.05 4.49
C TRP C 82 -42.54 -15.01 2.97
N GLU C 83 -43.37 -15.84 2.34
CA GLU C 83 -43.47 -15.84 0.89
C GLU C 83 -43.95 -14.53 0.29
N PRO C 84 -44.93 -13.81 0.87
CA PRO C 84 -45.28 -12.51 0.28
C PRO C 84 -44.15 -11.50 0.33
N ILE C 85 -43.23 -11.64 1.28
CA ILE C 85 -42.10 -10.72 1.37
C ILE C 85 -41.04 -11.09 0.35
N GLU C 86 -40.79 -12.39 0.16
CA GLU C 86 -39.86 -12.83 -0.87
C GLU C 86 -40.39 -12.52 -2.26
N LYS C 87 -41.71 -12.58 -2.45
CA LYS C 87 -42.30 -12.20 -3.73
C LYS C 87 -42.05 -10.73 -4.04
N TYR C 88 -42.21 -9.86 -3.04
CA TYR C 88 -41.97 -8.44 -3.24
C TYR C 88 -40.52 -8.17 -3.63
N ILE C 89 -39.58 -8.82 -2.95
CA ILE C 89 -38.17 -8.60 -3.24
C ILE C 89 -37.84 -9.03 -4.66
N ASN C 90 -38.32 -10.22 -5.05
CA ASN C 90 -38.04 -10.72 -6.39
C ASN C 90 -38.65 -9.82 -7.47
N GLU C 91 -39.84 -9.29 -7.23
CA GLU C 91 -40.47 -8.46 -8.25
C GLU C 91 -39.86 -7.07 -8.34
N GLN C 92 -39.11 -6.64 -7.33
CA GLN C 92 -38.30 -5.42 -7.49
C GLN C 92 -37.07 -5.69 -8.34
N TYR C 93 -36.49 -6.88 -8.23
CA TYR C 93 -35.44 -7.29 -9.16
C TYR C 93 -35.97 -7.29 -10.59
N GLU C 94 -37.23 -7.66 -10.78
CA GLU C 94 -37.81 -7.70 -12.11
C GLU C 94 -37.95 -6.28 -12.67
N LYS C 95 -38.32 -5.31 -11.83
CA LYS C 95 -38.38 -3.93 -12.28
C LYS C 95 -37.02 -3.45 -12.76
N PHE C 96 -35.98 -3.68 -11.96
CA PHE C 96 -34.64 -3.27 -12.33
C PHE C 96 -34.15 -4.01 -13.56
N LEU C 97 -34.53 -5.28 -13.70
CA LEU C 97 -34.12 -6.08 -14.85
C LEU C 97 -34.65 -5.48 -16.15
N LYS C 98 -35.84 -4.90 -16.13
CA LYS C 98 -36.44 -4.31 -17.32
C LYS C 98 -36.01 -2.87 -17.56
N GLU C 99 -35.39 -2.22 -16.57
CA GLU C 99 -35.08 -0.80 -16.69
C GLU C 99 -33.59 -0.50 -16.83
N GLU C 100 -32.70 -1.44 -16.49
CA GLU C 100 -31.29 -1.17 -16.62
C GLU C 100 -30.84 -1.08 -18.07
N VAL C 101 -31.69 -1.50 -19.02
CA VAL C 101 -31.41 -1.23 -20.42
C VAL C 101 -31.35 0.27 -20.66
N ASN C 102 -32.19 1.02 -19.96
CA ASN C 102 -32.16 2.49 -19.91
C ASN C 102 -32.42 3.11 -21.29
N ILE C 103 -33.61 2.79 -21.83
CA ILE C 103 -34.04 3.43 -23.06
C ILE C 103 -34.29 4.91 -22.82
N ALA C 104 -34.72 5.28 -21.61
CA ALA C 104 -34.93 6.68 -21.27
C ALA C 104 -33.64 7.46 -21.18
N ARG C 105 -32.49 6.79 -21.16
CA ARG C 105 -31.19 7.44 -21.10
C ARG C 105 -31.11 8.43 -19.93
N LYS C 106 -31.23 7.87 -18.74
CA LYS C 106 -31.11 8.65 -17.51
C LYS C 106 -29.76 8.35 -16.87
N LYS C 107 -29.16 9.38 -16.26
CA LYS C 107 -27.88 9.23 -15.58
C LYS C 107 -27.96 8.17 -14.49
N ARG C 108 -29.12 8.01 -13.87
CA ARG C 108 -29.32 7.04 -12.79
C ARG C 108 -30.59 6.25 -13.05
N ILE C 109 -30.46 4.93 -13.12
CA ILE C 109 -31.63 4.07 -13.29
C ILE C 109 -32.40 4.02 -11.97
N PRO C 110 -33.73 4.14 -11.98
CA PRO C 110 -34.49 4.10 -10.72
C PRO C 110 -34.33 2.76 -10.02
N ASP C 111 -33.95 2.82 -8.75
CA ASP C 111 -33.63 1.64 -7.95
C ASP C 111 -34.69 1.48 -6.85
N THR C 112 -35.47 0.40 -6.92
CA THR C 112 -36.45 0.09 -5.89
C THR C 112 -36.17 -1.21 -5.15
N ARG C 113 -35.05 -1.87 -5.43
CA ARG C 113 -34.72 -3.11 -4.73
C ARG C 113 -34.40 -2.81 -3.27
N VAL C 114 -34.74 -3.76 -2.40
CA VAL C 114 -34.42 -3.62 -0.99
C VAL C 114 -32.92 -3.84 -0.80
N HIS C 115 -32.23 -2.83 -0.29
CA HIS C 115 -30.79 -2.92 -0.05
C HIS C 115 -30.46 -3.44 1.33
N CYS C 116 -31.39 -3.30 2.28
CA CYS C 116 -31.16 -3.65 3.67
C CYS C 116 -32.49 -4.03 4.29
N CYS C 117 -32.53 -5.17 4.95
CA CYS C 117 -33.74 -5.66 5.61
C CYS C 117 -33.43 -5.89 7.09
N LEU C 118 -34.07 -5.09 7.95
CA LEU C 118 -33.93 -5.24 9.39
C LEU C 118 -35.00 -6.21 9.89
N TYR C 119 -34.58 -7.33 10.46
CA TYR C 119 -35.49 -8.27 11.09
C TYR C 119 -35.42 -8.09 12.60
N PHE C 120 -36.57 -7.78 13.20
CA PHE C 120 -36.64 -7.51 14.63
C PHE C 120 -36.98 -8.80 15.38
N ILE C 121 -36.12 -9.17 16.32
CA ILE C 121 -36.30 -10.33 17.17
C ILE C 121 -36.82 -9.86 18.52
N SER C 122 -37.93 -10.44 18.98
CA SER C 122 -38.45 -10.05 20.29
C SER C 122 -37.55 -10.59 21.39
N PRO C 123 -37.27 -9.79 22.42
CA PRO C 123 -36.40 -10.25 23.52
C PRO C 123 -37.13 -11.18 24.47
N THR C 124 -37.06 -12.47 24.19
CA THR C 124 -37.73 -13.49 24.99
C THR C 124 -36.85 -14.09 26.08
N GLY C 125 -35.54 -13.88 26.03
CA GLY C 125 -34.64 -14.53 26.97
C GLY C 125 -34.43 -16.00 26.72
N HIS C 126 -35.05 -16.58 25.71
CA HIS C 126 -34.91 -17.98 25.38
C HIS C 126 -34.22 -18.12 24.01
N SER C 127 -34.46 -19.25 23.35
CA SER C 127 -33.93 -19.46 22.02
C SER C 127 -34.86 -18.83 20.98
N LEU C 128 -34.40 -18.82 19.74
CA LEU C 128 -35.13 -18.17 18.66
C LEU C 128 -36.42 -18.93 18.34
N ARG C 129 -37.42 -18.18 17.87
N ARG C 129 -37.41 -18.19 17.87
CA ARG C 129 -38.70 -18.76 17.50
CA ARG C 129 -38.68 -18.83 17.54
C ARG C 129 -38.62 -19.38 16.10
C ARG C 129 -38.65 -19.36 16.11
N PRO C 130 -39.44 -20.40 15.82
CA PRO C 130 -39.46 -20.96 14.47
C PRO C 130 -39.77 -19.94 13.39
N LEU C 131 -40.63 -18.97 13.68
CA LEU C 131 -40.91 -17.92 12.70
C LEU C 131 -39.66 -17.11 12.39
N ASP C 132 -38.84 -16.84 13.41
CA ASP C 132 -37.58 -16.12 13.19
C ASP C 132 -36.65 -16.92 12.30
N LEU C 133 -36.52 -18.22 12.56
CA LEU C 133 -35.64 -19.06 11.78
C LEU C 133 -36.17 -19.25 10.36
N GLU C 134 -37.46 -19.53 10.23
CA GLU C 134 -38.04 -19.80 8.91
C GLU C 134 -37.91 -18.60 7.99
N PHE C 135 -38.07 -17.39 8.53
CA PHE C 135 -37.91 -16.19 7.70
C PHE C 135 -36.48 -16.03 7.23
N MET C 136 -35.52 -16.10 8.16
CA MET C 136 -34.14 -15.75 7.81
C MET C 136 -33.51 -16.78 6.89
N LYS C 137 -33.73 -18.07 7.13
CA LYS C 137 -33.16 -19.08 6.27
C LYS C 137 -33.76 -19.03 4.86
N HIS C 138 -34.93 -18.44 4.70
CA HIS C 138 -35.52 -18.25 3.39
C HIS C 138 -35.10 -16.94 2.73
N LEU C 139 -34.95 -15.87 3.51
CA LEU C 139 -34.72 -14.54 2.95
C LEU C 139 -33.26 -14.13 2.91
N SER C 140 -32.40 -14.69 3.77
CA SER C 140 -30.99 -14.32 3.74
C SER C 140 -30.32 -14.70 2.43
N LYS C 141 -30.96 -15.55 1.64
CA LYS C 141 -30.40 -15.89 0.33
C LYS C 141 -30.77 -14.89 -0.76
N VAL C 142 -31.58 -13.87 -0.47
CA VAL C 142 -32.07 -13.01 -1.55
C VAL C 142 -31.98 -11.53 -1.15
N VAL C 143 -31.74 -11.26 0.13
CA VAL C 143 -31.53 -9.91 0.62
C VAL C 143 -30.47 -9.89 1.71
N ASN C 144 -30.02 -8.68 2.01
CA ASN C 144 -29.16 -8.41 3.15
C ASN C 144 -30.03 -8.27 4.40
N ILE C 145 -29.85 -9.18 5.34
CA ILE C 145 -30.63 -9.21 6.58
C ILE C 145 -29.71 -8.78 7.71
N ILE C 146 -30.08 -7.71 8.40
CA ILE C 146 -29.43 -7.30 9.63
C ILE C 146 -30.35 -7.71 10.79
N PRO C 147 -29.95 -8.64 11.65
CA PRO C 147 -30.80 -9.01 12.79
C PRO C 147 -30.61 -8.04 13.95
N VAL C 148 -31.72 -7.51 14.46
CA VAL C 148 -31.70 -6.64 15.63
C VAL C 148 -32.54 -7.27 16.73
N ILE C 149 -32.18 -6.96 17.97
CA ILE C 149 -32.98 -7.30 19.14
C ILE C 149 -33.89 -6.12 19.43
N ALA C 150 -35.19 -6.32 19.28
CA ALA C 150 -36.14 -5.24 19.54
C ALA C 150 -36.20 -4.93 21.03
N LYS C 151 -36.55 -3.69 21.34
CA LYS C 151 -36.78 -3.23 22.72
C LYS C 151 -35.69 -3.72 23.67
N ALA C 152 -34.46 -3.26 23.43
CA ALA C 152 -33.34 -3.73 24.23
C ALA C 152 -33.39 -3.20 25.65
N ASP C 153 -34.23 -2.20 25.93
CA ASP C 153 -34.37 -1.70 27.30
C ASP C 153 -35.13 -2.66 28.19
N THR C 154 -35.66 -3.75 27.64
CA THR C 154 -36.39 -4.75 28.42
C THR C 154 -35.50 -5.87 28.93
N MET C 155 -34.19 -5.70 28.88
CA MET C 155 -33.24 -6.70 29.34
C MET C 155 -32.16 -6.04 30.19
N THR C 156 -31.68 -6.78 31.18
CA THR C 156 -30.55 -6.31 31.95
C THR C 156 -29.26 -6.66 31.20
N LEU C 157 -28.14 -6.16 31.72
CA LEU C 157 -26.86 -6.44 31.08
C LEU C 157 -26.59 -7.93 30.98
N GLU C 158 -26.89 -8.67 32.05
CA GLU C 158 -26.65 -10.11 32.05
C GLU C 158 -27.58 -10.82 31.07
N GLU C 159 -28.86 -10.42 31.02
CA GLU C 159 -29.79 -11.02 30.07
C GLU C 159 -29.40 -10.67 28.64
N LYS C 160 -28.97 -9.43 28.39
CA LYS C 160 -28.71 -8.99 27.03
C LYS C 160 -27.47 -9.66 26.46
N SER C 161 -26.41 -9.81 27.27
CA SER C 161 -25.22 -10.50 26.80
C SER C 161 -25.53 -11.97 26.49
N GLU C 162 -26.40 -12.59 27.30
CA GLU C 162 -26.74 -14.00 27.07
C GLU C 162 -27.60 -14.17 25.82
N PHE C 163 -28.54 -13.24 25.60
CA PHE C 163 -29.44 -13.37 24.46
C PHE C 163 -28.69 -13.11 23.15
N LYS C 164 -27.73 -12.20 23.15
CA LYS C 164 -26.95 -11.94 21.94
C LYS C 164 -26.13 -13.16 21.55
N GLN C 165 -25.41 -13.76 22.52
CA GLN C 165 -24.66 -14.97 22.24
C GLN C 165 -25.58 -16.08 21.73
N ARG C 166 -26.77 -16.19 22.29
CA ARG C 166 -27.66 -17.30 21.94
C ARG C 166 -28.18 -17.15 20.52
N VAL C 167 -28.61 -15.95 20.15
CA VAL C 167 -29.08 -15.71 18.79
C VAL C 167 -27.92 -15.87 17.80
N ARG C 168 -26.76 -15.34 18.16
CA ARG C 168 -25.59 -15.41 17.27
C ARG C 168 -25.19 -16.86 17.00
N LYS C 169 -25.22 -17.71 18.03
CA LYS C 169 -24.88 -19.11 17.84
C LYS C 169 -25.94 -19.83 17.00
N GLU C 170 -27.22 -19.48 17.18
CA GLU C 170 -28.27 -20.11 16.40
C GLU C 170 -28.15 -19.76 14.92
N LEU C 171 -27.83 -18.50 14.62
CA LEU C 171 -27.72 -18.09 13.22
C LEU C 171 -26.52 -18.74 12.55
N GLU C 172 -25.43 -18.92 13.28
CA GLU C 172 -24.26 -19.58 12.73
C GLU C 172 -24.50 -21.07 12.54
N VAL C 173 -25.28 -21.68 13.42
CA VAL C 173 -25.53 -23.12 13.33
C VAL C 173 -26.51 -23.45 12.21
N ASN C 174 -27.45 -22.55 11.91
CA ASN C 174 -28.43 -22.78 10.86
C ASN C 174 -27.95 -22.32 9.50
N GLY C 175 -26.66 -22.03 9.36
CA GLY C 175 -26.12 -21.60 8.07
C GLY C 175 -26.78 -20.35 7.52
N ILE C 176 -27.23 -19.46 8.40
CA ILE C 176 -27.89 -18.22 7.99
C ILE C 176 -26.80 -17.18 7.76
N GLU C 177 -26.53 -16.90 6.48
CA GLU C 177 -25.52 -15.91 6.10
C GLU C 177 -26.19 -14.55 6.05
N PHE C 178 -26.15 -13.84 7.17
CA PHE C 178 -26.70 -12.49 7.25
C PHE C 178 -25.63 -11.45 6.95
N TYR C 179 -26.09 -10.28 6.53
CA TYR C 179 -25.16 -9.20 6.21
C TYR C 179 -24.52 -8.63 7.47
N PRO C 180 -23.19 -8.40 7.44
CA PRO C 180 -22.30 -8.60 6.29
C PRO C 180 -21.81 -10.04 6.12
N GLN C 181 -22.13 -10.66 4.99
CA GLN C 181 -21.65 -12.01 4.73
C GLN C 181 -20.13 -12.00 4.63
N LYS C 182 -19.49 -12.97 5.28
CA LYS C 182 -18.03 -13.04 5.29
C LYS C 182 -17.46 -13.39 3.93
N GLU C 183 -18.28 -13.95 3.03
CA GLU C 183 -17.79 -14.29 1.69
C GLU C 183 -17.41 -13.04 0.92
N PHE C 184 -17.99 -11.88 1.26
CA PHE C 184 -17.84 -10.67 0.47
C PHE C 184 -16.94 -9.64 1.17
N ASP C 185 -16.00 -10.09 1.98
CA ASP C 185 -15.00 -9.19 2.54
C ASP C 185 -13.94 -8.92 1.49
N GLU C 186 -13.68 -7.64 1.23
CA GLU C 186 -12.75 -7.28 0.15
C GLU C 186 -11.33 -7.69 0.48
N ASP C 187 -10.85 -7.32 1.67
CA ASP C 187 -9.45 -7.53 2.03
C ASP C 187 -9.38 -7.88 3.52
N LEU C 188 -8.17 -7.80 4.07
CA LEU C 188 -8.00 -8.05 5.49
C LEU C 188 -8.54 -6.91 6.34
N GLU C 189 -8.49 -5.68 5.82
CA GLU C 189 -9.08 -4.55 6.52
C GLU C 189 -10.59 -4.72 6.66
N ASP C 190 -11.25 -5.30 5.65
CA ASP C 190 -12.68 -5.54 5.75
C ASP C 190 -12.99 -6.73 6.65
N LYS C 191 -12.14 -7.77 6.62
CA LYS C 191 -12.35 -8.90 7.51
C LYS C 191 -12.24 -8.49 8.97
N THR C 192 -11.29 -7.60 9.27
CA THR C 192 -11.07 -7.20 10.66
C THR C 192 -12.28 -6.48 11.22
N GLU C 193 -12.78 -5.48 10.50
CA GLU C 193 -13.91 -4.70 11.01
C GLU C 193 -15.21 -5.50 11.00
N ASN C 194 -15.38 -6.41 10.03
CA ASN C 194 -16.62 -7.16 9.90
C ASN C 194 -16.66 -8.40 10.80
N ASP C 195 -15.51 -8.88 11.28
CA ASP C 195 -15.53 -9.92 12.31
C ASP C 195 -16.04 -9.36 13.63
N LYS C 196 -15.57 -8.18 14.01
CA LYS C 196 -16.08 -7.52 15.22
C LYS C 196 -17.58 -7.31 15.14
N ILE C 197 -18.11 -7.08 13.93
CA ILE C 197 -19.54 -6.82 13.79
C ILE C 197 -20.32 -8.13 13.80
N ARG C 198 -19.84 -9.15 13.08
CA ARG C 198 -20.55 -10.42 13.04
C ARG C 198 -20.49 -11.17 14.37
N GLN C 199 -19.45 -10.91 15.17
CA GLN C 199 -19.19 -11.71 16.35
C GLN C 199 -19.39 -10.97 17.67
N GLU C 200 -19.59 -9.66 17.64
CA GLU C 200 -19.78 -8.89 18.87
C GLU C 200 -20.94 -7.92 18.76
N SER C 201 -20.89 -7.05 17.74
CA SER C 201 -21.89 -6.00 17.61
C SER C 201 -23.25 -6.51 17.17
N MET C 202 -23.33 -7.66 16.50
CA MET C 202 -24.61 -8.23 16.09
C MET C 202 -25.01 -9.43 16.95
N PRO C 203 -26.32 -9.60 17.22
CA PRO C 203 -27.43 -8.73 16.80
C PRO C 203 -27.46 -7.41 17.54
N PHE C 204 -27.66 -6.31 16.81
CA PHE C 204 -27.77 -4.99 17.42
C PHE C 204 -28.93 -4.96 18.40
N ALA C 205 -28.65 -4.80 19.69
CA ALA C 205 -29.69 -4.64 20.70
C ALA C 205 -30.10 -3.17 20.70
N VAL C 206 -31.16 -2.86 19.96
CA VAL C 206 -31.51 -1.50 19.65
C VAL C 206 -32.62 -1.01 20.56
N VAL C 207 -32.69 0.31 20.73
CA VAL C 207 -33.78 1.00 21.40
C VAL C 207 -34.13 2.21 20.55
N GLY C 208 -35.42 2.39 20.28
CA GLY C 208 -35.91 3.54 19.53
C GLY C 208 -36.66 4.50 20.45
N SER C 209 -36.63 5.78 20.11
CA SER C 209 -37.37 6.77 20.88
C SER C 209 -37.61 8.00 20.01
N ASP C 210 -38.77 8.62 20.23
CA ASP C 210 -39.16 9.82 19.53
C ASP C 210 -39.07 11.07 20.41
N LYS C 211 -38.90 10.90 21.72
CA LYS C 211 -38.95 11.99 22.68
C LYS C 211 -37.58 12.28 23.26
N GLU C 212 -37.35 13.54 23.62
CA GLU C 212 -36.09 14.00 24.18
C GLU C 212 -36.29 14.48 25.61
N TYR C 213 -35.28 14.23 26.45
CA TYR C 213 -35.31 14.62 27.84
C TYR C 213 -33.96 15.21 28.22
N GLN C 214 -33.94 15.94 29.34
CA GLN C 214 -32.71 16.51 29.87
C GLN C 214 -32.25 15.65 31.05
N VAL C 215 -31.09 15.01 30.88
CA VAL C 215 -30.54 14.10 31.88
C VAL C 215 -29.23 14.71 32.36
N ASN C 216 -29.25 15.31 33.54
CA ASN C 216 -28.06 15.93 34.15
C ASN C 216 -27.48 17.03 33.26
N GLY C 217 -28.36 17.86 32.69
CA GLY C 217 -27.96 19.03 31.96
C GLY C 217 -27.96 18.88 30.45
N LYS C 218 -27.85 17.66 29.94
CA LYS C 218 -27.71 17.42 28.51
C LYS C 218 -29.02 16.91 27.92
N ARG C 219 -29.34 17.39 26.72
CA ARG C 219 -30.51 16.93 25.97
C ARG C 219 -30.17 15.62 25.26
N VAL C 220 -30.98 14.58 25.51
CA VAL C 220 -30.72 13.26 24.96
C VAL C 220 -32.02 12.60 24.54
N LEU C 221 -31.94 11.78 23.49
CA LEU C 221 -33.06 10.91 23.13
C LEU C 221 -33.16 9.76 24.12
N GLY C 222 -34.39 9.42 24.52
CA GLY C 222 -34.55 8.30 25.41
C GLY C 222 -36.00 8.04 25.76
N ARG C 223 -36.20 7.00 26.56
CA ARG C 223 -37.51 6.64 27.08
C ARG C 223 -37.52 6.88 28.59
N LYS C 224 -38.56 7.55 29.07
CA LYS C 224 -38.64 7.98 30.46
C LYS C 224 -39.49 7.00 31.26
N TYR C 225 -38.85 6.31 32.20
CA TYR C 225 -39.52 5.45 33.17
C TYR C 225 -39.54 6.13 34.54
N PRO C 226 -40.43 5.72 35.43
CA PRO C 226 -40.41 6.29 36.79
C PRO C 226 -39.09 6.05 37.50
N TRP C 227 -38.36 4.99 37.15
CA TRP C 227 -37.09 4.68 37.79
C TRP C 227 -35.88 5.21 37.04
N GLY C 228 -36.06 5.80 35.86
CA GLY C 228 -34.93 6.38 35.15
C GLY C 228 -35.21 6.47 33.67
N ILE C 229 -34.28 7.13 32.97
CA ILE C 229 -34.38 7.40 31.54
C ILE C 229 -33.24 6.68 30.84
N ILE C 230 -33.57 5.81 29.90
CA ILE C 230 -32.55 5.15 29.09
C ILE C 230 -32.21 6.05 27.91
N GLU C 231 -30.92 6.35 27.75
CA GLU C 231 -30.46 7.19 26.65
C GLU C 231 -30.18 6.35 25.42
N VAL C 232 -30.80 6.72 24.30
CA VAL C 232 -30.79 5.86 23.10
C VAL C 232 -29.41 5.89 22.43
N GLU C 233 -28.78 7.06 22.36
CA GLU C 233 -27.46 7.18 21.75
C GLU C 233 -26.33 6.94 22.74
N ASN C 234 -26.59 6.20 23.81
CA ASN C 234 -25.62 5.90 24.85
C ASN C 234 -25.24 4.43 24.75
N LEU C 235 -23.96 4.16 24.45
CA LEU C 235 -23.50 2.80 24.27
C LEU C 235 -23.49 1.98 25.56
N ASN C 236 -23.60 2.64 26.72
CA ASN C 236 -23.71 1.91 27.99
C ASN C 236 -25.15 1.48 28.27
N HIS C 237 -26.11 1.92 27.48
CA HIS C 237 -27.52 1.55 27.67
C HIS C 237 -28.04 0.61 26.60
N CYS C 238 -27.69 0.84 25.34
CA CYS C 238 -28.11 -0.02 24.25
C CYS C 238 -27.12 0.11 23.10
N GLU C 239 -27.43 -0.52 21.97
CA GLU C 239 -26.53 -0.59 20.82
C GLU C 239 -27.16 0.06 19.59
N PHE C 240 -27.93 1.13 19.80
CA PHE C 240 -28.51 1.83 18.65
C PHE C 240 -27.43 2.52 17.83
N ALA C 241 -26.49 3.20 18.50
CA ALA C 241 -25.47 3.95 17.77
C ALA C 241 -24.60 3.05 16.92
N LEU C 242 -24.41 1.79 17.34
CA LEU C 242 -23.69 0.83 16.52
C LEU C 242 -24.46 0.54 15.23
N LEU C 243 -25.78 0.32 15.34
CA LEU C 243 -26.60 0.14 14.15
C LEU C 243 -26.57 1.37 13.25
N ARG C 244 -26.49 2.56 13.83
CA ARG C 244 -26.56 3.79 13.04
C ARG C 244 -25.27 4.03 12.28
N ASP C 245 -24.12 3.88 12.96
CA ASP C 245 -22.83 4.04 12.29
C ASP C 245 -22.58 2.94 11.27
N PHE C 246 -23.21 1.78 11.44
CA PHE C 246 -23.08 0.68 10.48
C PHE C 246 -23.88 0.96 9.22
N VAL C 247 -25.20 1.13 9.37
CA VAL C 247 -26.07 1.23 8.20
C VAL C 247 -25.87 2.58 7.50
N ILE C 248 -25.81 3.65 8.26
CA ILE C 248 -25.86 4.99 7.67
C ILE C 248 -24.47 5.54 7.38
N ARG C 249 -23.53 5.39 8.31
CA ARG C 249 -22.27 6.12 8.19
C ARG C 249 -21.19 5.34 7.45
N THR C 250 -21.23 4.01 7.45
CA THR C 250 -20.12 3.22 6.92
C THR C 250 -20.54 2.30 5.78
N HIS C 251 -21.47 1.37 6.02
CA HIS C 251 -21.77 0.31 5.06
C HIS C 251 -23.00 0.60 4.20
N LEU C 252 -23.38 1.87 4.07
CA LEU C 252 -24.49 2.22 3.20
C LEU C 252 -24.27 1.74 1.77
N GLN C 253 -23.12 2.08 1.18
CA GLN C 253 -22.85 1.69 -0.19
C GLN C 253 -22.54 0.20 -0.30
N ASP C 254 -21.81 -0.35 0.68
CA ASP C 254 -21.54 -1.78 0.68
C ASP C 254 -22.83 -2.59 0.67
N LEU C 255 -23.90 -2.07 1.28
CA LEU C 255 -25.18 -2.75 1.23
C LEU C 255 -25.74 -2.74 -0.18
N LYS C 256 -25.66 -1.61 -0.88
CA LYS C 256 -26.18 -1.54 -2.24
C LYS C 256 -25.35 -2.37 -3.21
N GLU C 257 -24.04 -2.50 -2.95
CA GLU C 257 -23.19 -3.23 -3.88
C GLU C 257 -23.45 -4.74 -3.81
N VAL C 258 -23.58 -5.29 -2.60
CA VAL C 258 -23.89 -6.71 -2.46
C VAL C 258 -25.26 -7.01 -3.07
N THR C 259 -26.23 -6.12 -2.87
CA THR C 259 -27.54 -6.29 -3.47
C THR C 259 -27.44 -6.41 -4.98
N HIS C 260 -26.63 -5.55 -5.60
CA HIS C 260 -26.54 -5.53 -7.06
C HIS C 260 -25.72 -6.70 -7.59
N ASN C 261 -24.50 -6.88 -7.07
CA ASN C 261 -23.56 -7.83 -7.64
C ASN C 261 -23.76 -9.25 -7.17
N ILE C 262 -24.56 -9.48 -6.14
CA ILE C 262 -24.76 -10.84 -5.64
C ILE C 262 -26.21 -11.27 -5.83
N HIS C 263 -27.11 -10.63 -5.09
CA HIS C 263 -28.51 -11.07 -5.07
C HIS C 263 -29.20 -10.80 -6.40
N TYR C 264 -29.15 -9.55 -6.88
CA TYR C 264 -29.79 -9.24 -8.15
C TYR C 264 -29.14 -9.98 -9.30
N GLU C 265 -27.81 -10.12 -9.29
CA GLU C 265 -27.14 -10.80 -10.38
C GLU C 265 -27.52 -12.27 -10.42
N THR C 266 -27.65 -12.91 -9.26
CA THR C 266 -28.11 -14.28 -9.23
C THR C 266 -29.52 -14.42 -9.79
N TYR C 267 -30.40 -13.49 -9.42
CA TYR C 267 -31.76 -13.49 -9.96
C TYR C 267 -31.77 -13.21 -11.45
N ARG C 268 -30.91 -12.28 -11.91
CA ARG C 268 -30.87 -11.94 -13.32
C ARG C 268 -30.37 -13.12 -14.15
N ALA C 269 -29.32 -13.81 -13.66
CA ALA C 269 -28.82 -14.98 -14.37
C ALA C 269 -29.85 -16.09 -14.42
N LYS C 270 -30.64 -16.25 -13.36
CA LYS C 270 -31.70 -17.25 -13.36
C LYS C 270 -32.79 -16.89 -14.36
N ARG C 271 -33.17 -15.61 -14.43
CA ARG C 271 -34.25 -15.19 -15.33
C ARG C 271 -33.87 -15.32 -16.80
N LEU C 272 -32.57 -15.24 -17.12
CA LEU C 272 -32.15 -15.43 -18.51
C LEU C 272 -32.45 -16.83 -19.00
N ASN C 273 -32.47 -17.81 -18.09
CA ASN C 273 -32.71 -19.21 -18.45
C ASN C 273 -34.17 -19.62 -18.32
N ASP C 274 -35.06 -18.69 -17.99
CA ASP C 274 -36.49 -19.00 -17.91
C ASP C 274 -37.17 -18.74 -19.25
N ASN C 275 -38.43 -19.14 -19.33
CA ASN C 275 -39.31 -18.83 -20.47
C ASN C 275 -38.71 -19.32 -21.78
N GLY C 276 -38.14 -20.53 -21.77
CA GLY C 276 -37.53 -21.09 -22.94
C GLY C 276 -36.08 -20.74 -23.15
N GLY C 277 -35.52 -19.83 -22.34
CA GLY C 277 -34.13 -19.45 -22.46
C GLY C 277 -33.93 -18.13 -23.19
N LEU C 278 -32.72 -17.96 -23.69
CA LEU C 278 -32.34 -16.72 -24.34
C LEU C 278 -33.02 -16.62 -25.71
N PRO C 279 -33.37 -15.41 -26.13
CA PRO C 279 -33.86 -15.22 -27.50
C PRO C 279 -32.73 -15.34 -28.51
N PRO C 280 -33.01 -15.88 -29.69
CA PRO C 280 -31.94 -16.04 -30.68
C PRO C 280 -31.48 -14.70 -31.23
N VAL C 281 -30.16 -14.54 -31.33
CA VAL C 281 -29.58 -13.31 -31.83
C VAL C 281 -28.19 -13.57 -32.39
N GLY D 2 -13.80 1.01 -0.48
CA GLY D 2 -13.25 1.83 -1.53
C GLY D 2 -13.96 1.72 -2.87
N PHE D 3 -13.33 2.25 -3.91
CA PHE D 3 -13.91 2.24 -5.25
C PHE D 3 -12.79 2.44 -6.27
N ASP D 4 -13.15 2.35 -7.54
CA ASP D 4 -12.21 2.48 -8.65
C ASP D 4 -12.48 3.77 -9.42
N PHE D 5 -11.41 4.42 -9.87
CA PHE D 5 -11.53 5.61 -10.70
C PHE D 5 -10.41 5.62 -11.73
N ASN D 6 -10.79 5.71 -13.00
CA ASN D 6 -9.87 5.67 -14.12
C ASN D 6 -10.04 6.95 -14.93
N ILE D 7 -8.99 7.75 -14.98
CA ILE D 7 -9.01 9.04 -15.65
C ILE D 7 -7.99 9.00 -16.78
N MET D 8 -8.44 9.31 -18.00
CA MET D 8 -7.59 9.31 -19.17
C MET D 8 -7.15 10.72 -19.50
N VAL D 9 -5.91 10.85 -19.95
CA VAL D 9 -5.35 12.14 -20.34
C VAL D 9 -4.94 12.05 -21.81
N VAL D 10 -5.56 12.88 -22.65
CA VAL D 10 -5.29 12.92 -24.08
C VAL D 10 -4.88 14.33 -24.48
N GLY D 11 -3.78 14.44 -25.19
CA GLY D 11 -3.32 15.73 -25.67
C GLY D 11 -1.95 15.68 -26.30
N GLN D 12 -1.60 16.73 -27.05
CA GLN D 12 -0.27 16.82 -27.64
C GLN D 12 0.79 16.77 -26.55
N SER D 13 1.98 16.31 -26.91
CA SER D 13 3.06 16.21 -25.94
C SER D 13 3.54 17.60 -25.52
N GLY D 14 4.09 17.67 -24.30
CA GLY D 14 4.61 18.91 -23.78
C GLY D 14 3.57 19.91 -23.30
N LEU D 15 2.30 19.51 -23.22
CA LEU D 15 1.24 20.41 -22.80
C LEU D 15 1.05 20.44 -21.28
N GLY D 16 2.01 19.93 -20.51
CA GLY D 16 1.87 19.91 -19.07
C GLY D 16 0.84 18.94 -18.54
N LYS D 17 0.51 17.89 -19.30
CA LYS D 17 -0.51 16.94 -18.85
C LYS D 17 -0.03 16.13 -17.65
N SER D 18 1.24 15.74 -17.64
CA SER D 18 1.75 14.93 -16.53
C SER D 18 1.71 15.69 -15.22
N THR D 19 2.15 16.95 -15.23
CA THR D 19 2.18 17.73 -13.99
C THR D 19 0.79 18.16 -13.55
N LEU D 20 -0.18 18.25 -14.46
CA LEU D 20 -1.54 18.58 -14.04
C LEU D 20 -2.16 17.42 -13.27
N VAL D 21 -1.95 16.19 -13.74
CA VAL D 21 -2.41 15.02 -12.99
C VAL D 21 -1.72 14.97 -11.62
N ASN D 22 -0.44 15.32 -11.57
CA ASN D 22 0.27 15.35 -10.30
C ASN D 22 -0.30 16.41 -9.37
N THR D 23 -0.81 17.51 -9.93
CA THR D 23 -1.38 18.57 -9.10
C THR D 23 -2.78 18.21 -8.62
N LEU D 24 -3.51 17.39 -9.37
CA LEU D 24 -4.84 16.97 -8.95
C LEU D 24 -4.79 16.05 -7.74
N PHE D 25 -3.75 15.20 -7.64
CA PHE D 25 -3.68 14.19 -6.60
C PHE D 25 -2.39 14.42 -5.81
N LYS D 26 -1.46 13.46 -5.83
CA LYS D 26 -0.17 13.54 -5.13
C LYS D 26 0.84 12.65 -5.86
N SER D 27 1.21 13.09 -7.07
CA SER D 27 2.31 12.55 -7.85
C SER D 27 2.03 11.11 -8.28
N GLN D 28 0.96 10.97 -9.06
CA GLN D 28 0.53 9.68 -9.56
C GLN D 28 0.83 9.46 -11.04
N VAL D 29 1.50 10.41 -11.72
CA VAL D 29 1.66 10.26 -13.16
C VAL D 29 2.67 9.15 -13.47
N SER D 30 2.70 8.75 -14.75
CA SER D 30 3.58 7.67 -15.18
C SER D 30 5.04 8.10 -15.20
N ARG D 31 5.32 9.37 -15.52
CA ARG D 31 6.69 9.85 -15.56
C ARG D 31 7.24 10.06 -14.14
N LYS D 41 11.13 10.80 -26.15
CA LYS D 41 10.41 9.60 -25.76
C LYS D 41 9.04 9.54 -26.42
N ILE D 42 8.96 10.06 -27.64
CA ILE D 42 7.70 10.08 -28.39
C ILE D 42 7.63 8.82 -29.23
N PRO D 43 6.63 7.97 -29.04
CA PRO D 43 6.53 6.73 -29.82
C PRO D 43 6.17 7.02 -31.27
N LYS D 44 6.40 6.01 -32.11
CA LYS D 44 6.11 6.15 -33.54
C LYS D 44 4.61 6.20 -33.79
N THR D 45 3.85 5.34 -33.13
CA THR D 45 2.40 5.32 -33.24
C THR D 45 1.78 5.75 -31.91
N VAL D 46 0.46 5.77 -31.87
CA VAL D 46 -0.27 6.09 -30.65
C VAL D 46 -0.35 4.84 -29.78
N GLU D 47 0.20 4.93 -28.58
CA GLU D 47 0.14 3.85 -27.60
C GLU D 47 -0.73 4.29 -26.42
N ILE D 48 -1.14 3.32 -25.62
CA ILE D 48 -1.92 3.58 -24.42
C ILE D 48 -1.20 2.92 -23.25
N LYS D 49 -0.72 3.74 -22.31
CA LYS D 49 -0.08 3.25 -21.11
C LYS D 49 -0.90 3.68 -19.90
N ALA D 50 -0.86 2.85 -18.85
CA ALA D 50 -1.62 3.13 -17.64
C ALA D 50 -0.77 2.80 -16.42
N ILE D 51 -1.09 3.45 -15.31
CA ILE D 51 -0.45 3.17 -14.03
C ILE D 51 -1.51 3.22 -12.94
N GLY D 52 -1.46 2.25 -12.02
CA GLY D 52 -2.43 2.14 -10.96
C GLY D 52 -1.88 2.67 -9.64
N HIS D 53 -2.77 3.28 -8.85
CA HIS D 53 -2.41 3.80 -7.55
C HIS D 53 -3.58 3.58 -6.59
N VAL D 54 -3.26 3.48 -5.31
CA VAL D 54 -4.24 3.31 -4.25
C VAL D 54 -4.07 4.50 -3.31
N ILE D 55 -4.90 5.53 -3.49
CA ILE D 55 -4.84 6.73 -2.66
C ILE D 55 -5.84 6.56 -1.52
N GLU D 56 -5.33 6.28 -0.33
CA GLU D 56 -6.15 6.11 0.86
C GLU D 56 -6.27 7.38 1.68
N GLU D 57 -5.82 8.52 1.15
CA GLU D 57 -5.92 9.78 1.87
C GLU D 57 -7.38 10.20 1.98
N GLY D 58 -7.81 10.52 3.20
CA GLY D 58 -9.19 10.88 3.46
C GLY D 58 -9.91 9.86 4.32
N GLY D 59 -10.86 9.14 3.72
CA GLY D 59 -11.59 8.11 4.43
C GLY D 59 -11.89 6.91 3.55
N VAL D 60 -11.85 7.11 2.24
CA VAL D 60 -12.15 6.06 1.27
C VAL D 60 -10.85 5.62 0.60
N LYS D 61 -10.85 4.39 0.09
CA LYS D 61 -9.69 3.83 -0.61
C LYS D 61 -9.96 3.87 -2.11
N MET D 62 -9.67 5.01 -2.73
CA MET D 62 -9.84 5.17 -4.17
C MET D 62 -8.71 4.46 -4.91
N LYS D 63 -9.05 3.51 -5.76
CA LYS D 63 -8.06 2.86 -6.63
C LYS D 63 -7.92 3.69 -7.88
N LEU D 64 -6.90 4.54 -7.93
CA LEU D 64 -6.70 5.46 -9.04
C LEU D 64 -5.97 4.78 -10.18
N THR D 65 -6.40 5.07 -11.41
CA THR D 65 -5.74 4.57 -12.61
C THR D 65 -5.65 5.71 -13.61
N VAL D 66 -4.43 6.20 -13.85
CA VAL D 66 -4.17 7.28 -14.80
C VAL D 66 -3.75 6.67 -16.13
N ILE D 67 -4.53 6.92 -17.17
CA ILE D 67 -4.28 6.37 -18.50
C ILE D 67 -3.63 7.45 -19.36
N ASP D 68 -2.44 7.15 -19.89
CA ASP D 68 -1.73 8.04 -20.78
C ASP D 68 -1.96 7.62 -22.23
N THR D 69 -1.77 8.58 -23.14
CA THR D 69 -1.89 8.34 -24.58
C THR D 69 -0.67 8.93 -25.29
N PRO D 70 0.51 8.34 -25.10
CA PRO D 70 1.71 8.86 -25.77
C PRO D 70 1.64 8.65 -27.28
N GLY D 71 2.12 9.65 -28.01
CA GLY D 71 2.11 9.62 -29.46
C GLY D 71 0.94 10.31 -30.11
N PHE D 72 -0.03 10.80 -29.33
CA PHE D 72 -1.21 11.43 -29.89
C PHE D 72 -0.87 12.84 -30.35
N GLY D 73 -1.08 13.11 -31.63
CA GLY D 73 -0.85 14.43 -32.18
C GLY D 73 0.61 14.82 -32.30
N ASP D 74 1.54 13.90 -32.09
CA ASP D 74 2.96 14.19 -32.05
C ASP D 74 3.68 13.68 -33.29
N GLN D 75 2.96 13.54 -34.41
CA GLN D 75 3.54 13.00 -35.63
C GLN D 75 3.35 13.97 -36.78
N ILE D 76 3.94 13.64 -37.92
CA ILE D 76 3.68 14.41 -39.14
C ILE D 76 2.27 14.12 -39.63
N ASN D 77 1.91 12.85 -39.74
CA ASN D 77 0.58 12.43 -40.16
C ASN D 77 -0.18 11.91 -38.95
N ASN D 78 -1.02 12.75 -38.36
CA ASN D 78 -1.80 12.40 -37.18
C ASN D 78 -3.17 11.85 -37.52
N GLU D 79 -3.42 11.47 -38.77
CA GLU D 79 -4.74 11.00 -39.15
C GLU D 79 -5.05 9.68 -38.46
N ASN D 80 -6.31 9.53 -38.04
CA ASN D 80 -6.79 8.32 -37.38
C ASN D 80 -5.99 7.99 -36.13
N CYS D 81 -5.52 9.01 -35.42
CA CYS D 81 -4.82 8.80 -34.16
C CYS D 81 -5.77 8.63 -32.98
N TRP D 82 -7.08 8.83 -33.20
CA TRP D 82 -8.08 8.62 -32.17
C TRP D 82 -8.58 7.18 -32.11
N GLU D 83 -8.49 6.45 -33.22
CA GLU D 83 -9.00 5.08 -33.24
C GLU D 83 -8.33 4.16 -32.22
N PRO D 84 -7.00 4.17 -32.03
CA PRO D 84 -6.44 3.35 -30.94
C PRO D 84 -6.94 3.73 -29.56
N ILE D 85 -7.38 4.97 -29.37
CA ILE D 85 -7.96 5.36 -28.08
C ILE D 85 -9.38 4.83 -27.95
N GLU D 86 -10.20 5.02 -28.99
CA GLU D 86 -11.55 4.49 -28.98
C GLU D 86 -11.56 2.97 -28.90
N LYS D 87 -10.54 2.32 -29.49
CA LYS D 87 -10.44 0.88 -29.38
C LYS D 87 -10.18 0.45 -27.95
N TYR D 88 -9.37 1.22 -27.22
CA TYR D 88 -9.08 0.90 -25.84
C TYR D 88 -10.32 1.07 -24.96
N ILE D 89 -11.05 2.17 -25.14
CA ILE D 89 -12.24 2.42 -24.35
C ILE D 89 -13.29 1.34 -24.59
N ASN D 90 -13.44 0.91 -25.84
CA ASN D 90 -14.35 -0.19 -26.13
C ASN D 90 -13.82 -1.51 -25.58
N GLU D 91 -12.50 -1.65 -25.46
CA GLU D 91 -11.95 -2.87 -24.88
C GLU D 91 -12.26 -2.97 -23.39
N GLN D 92 -12.31 -1.85 -22.68
CA GLN D 92 -12.66 -1.89 -21.26
C GLN D 92 -14.14 -2.21 -21.09
N TYR D 93 -14.99 -1.70 -21.98
CA TYR D 93 -16.40 -2.07 -21.96
C TYR D 93 -16.58 -3.57 -22.18
N GLU D 94 -15.75 -4.16 -23.05
CA GLU D 94 -15.82 -5.60 -23.28
C GLU D 94 -15.36 -6.38 -22.06
N LYS D 95 -14.33 -5.88 -21.36
CA LYS D 95 -13.86 -6.59 -20.17
C LYS D 95 -14.89 -6.48 -19.06
N PHE D 96 -15.59 -5.36 -18.96
CA PHE D 96 -16.64 -5.23 -17.96
C PHE D 96 -17.83 -6.10 -18.30
N LEU D 97 -18.10 -6.32 -19.58
CA LEU D 97 -19.25 -7.13 -19.97
C LEU D 97 -19.06 -8.59 -19.58
N LYS D 98 -17.82 -9.08 -19.58
CA LYS D 98 -17.55 -10.46 -19.23
C LYS D 98 -17.52 -10.72 -17.72
N GLU D 99 -17.25 -9.68 -16.92
CA GLU D 99 -17.18 -9.83 -15.48
C GLU D 99 -18.42 -9.29 -14.77
N GLU D 100 -19.34 -8.66 -15.50
CA GLU D 100 -20.58 -8.18 -14.88
C GLU D 100 -21.38 -9.34 -14.32
N VAL D 101 -21.23 -10.54 -14.89
CA VAL D 101 -21.96 -11.71 -14.40
C VAL D 101 -21.46 -12.13 -13.02
N ASN D 102 -20.26 -11.69 -12.63
CA ASN D 102 -19.75 -11.88 -11.27
C ASN D 102 -19.71 -13.36 -10.86
N ILE D 103 -19.10 -14.18 -11.73
CA ILE D 103 -18.95 -15.61 -11.44
C ILE D 103 -18.09 -15.80 -10.19
N ALA D 104 -17.13 -14.92 -9.96
CA ALA D 104 -16.26 -15.03 -8.79
C ALA D 104 -16.97 -14.62 -7.51
N ARG D 105 -18.15 -14.02 -7.60
CA ARG D 105 -18.95 -13.62 -6.45
C ARG D 105 -18.15 -12.67 -5.54
N LYS D 106 -17.69 -11.58 -6.13
CA LYS D 106 -17.04 -10.51 -5.40
C LYS D 106 -18.05 -9.43 -5.04
N LYS D 107 -17.77 -8.71 -3.96
CA LYS D 107 -18.67 -7.63 -3.54
C LYS D 107 -18.74 -6.54 -4.60
N ARG D 108 -17.61 -6.16 -5.15
CA ARG D 108 -17.55 -5.10 -6.15
C ARG D 108 -16.88 -5.62 -7.40
N ILE D 109 -17.47 -5.31 -8.55
CA ILE D 109 -16.87 -5.68 -9.84
C ILE D 109 -15.68 -4.77 -10.11
N PRO D 110 -14.51 -5.31 -10.47
CA PRO D 110 -13.38 -4.44 -10.81
C PRO D 110 -13.64 -3.68 -12.11
N ASP D 111 -13.39 -2.39 -12.08
CA ASP D 111 -13.76 -1.48 -13.16
C ASP D 111 -12.50 -0.88 -13.77
N THR D 112 -12.25 -1.18 -15.05
CA THR D 112 -11.17 -0.56 -15.81
C THR D 112 -11.69 0.38 -16.89
N ARG D 113 -12.98 0.67 -16.92
CA ARG D 113 -13.53 1.58 -17.90
C ARG D 113 -13.08 3.01 -17.58
N VAL D 114 -12.88 3.80 -18.65
CA VAL D 114 -12.51 5.20 -18.50
C VAL D 114 -13.74 5.98 -18.05
N HIS D 115 -13.65 6.62 -16.89
CA HIS D 115 -14.77 7.40 -16.36
C HIS D 115 -14.68 8.87 -16.75
N CYS D 116 -13.47 9.41 -16.80
CA CYS D 116 -13.25 10.80 -17.19
C CYS D 116 -12.06 10.86 -18.14
N CYS D 117 -12.17 11.72 -19.15
CA CYS D 117 -11.12 11.90 -20.15
C CYS D 117 -10.85 13.40 -20.28
N LEU D 118 -9.69 13.83 -19.81
CA LEU D 118 -9.26 15.22 -19.95
C LEU D 118 -8.55 15.40 -21.29
N TYR D 119 -9.07 16.27 -22.13
CA TYR D 119 -8.44 16.61 -23.40
C TYR D 119 -7.83 18.00 -23.31
N PHE D 120 -6.53 18.09 -23.57
CA PHE D 120 -5.79 19.33 -23.42
C PHE D 120 -5.80 20.11 -24.73
N ILE D 121 -6.30 21.34 -24.68
CA ILE D 121 -6.36 22.23 -25.83
C ILE D 121 -5.21 23.21 -25.71
N SER D 122 -4.34 23.24 -26.72
CA SER D 122 -3.18 24.11 -26.66
C SER D 122 -3.61 25.57 -26.77
N PRO D 123 -3.01 26.49 -25.93
CA PRO D 123 -3.39 27.92 -25.95
C PRO D 123 -2.78 28.65 -27.14
N THR D 124 -3.36 28.42 -28.32
CA THR D 124 -2.87 29.08 -29.52
C THR D 124 -3.36 30.52 -29.64
N GLY D 125 -4.48 30.85 -29.00
CA GLY D 125 -5.05 32.18 -29.18
C GLY D 125 -5.88 32.35 -30.43
N HIS D 126 -6.23 31.25 -31.10
CA HIS D 126 -7.06 31.33 -32.29
C HIS D 126 -8.36 30.54 -32.08
N SER D 127 -8.31 29.23 -32.31
CA SER D 127 -9.47 28.38 -32.20
C SER D 127 -8.99 26.94 -32.00
N LEU D 128 -9.92 26.00 -32.10
CA LEU D 128 -9.56 24.59 -32.00
C LEU D 128 -8.90 24.13 -33.30
N ARG D 129 -7.79 23.42 -33.17
CA ARG D 129 -7.13 22.85 -34.33
C ARG D 129 -7.95 21.67 -34.85
N PRO D 130 -7.77 21.31 -36.13
CA PRO D 130 -8.53 20.18 -36.68
C PRO D 130 -8.31 18.88 -35.93
N LEU D 131 -7.16 18.72 -35.28
CA LEU D 131 -6.94 17.56 -34.43
C LEU D 131 -7.89 17.56 -33.24
N ASP D 132 -8.13 18.75 -32.65
CA ASP D 132 -9.01 18.84 -31.49
C ASP D 132 -10.45 18.52 -31.85
N LEU D 133 -10.94 19.09 -32.94
CA LEU D 133 -12.33 18.86 -33.34
C LEU D 133 -12.56 17.42 -33.77
N GLU D 134 -11.53 16.75 -34.27
CA GLU D 134 -11.74 15.39 -34.78
C GLU D 134 -11.74 14.38 -33.64
N PHE D 135 -10.89 14.57 -32.62
CA PHE D 135 -10.87 13.64 -31.50
C PHE D 135 -12.16 13.74 -30.68
N MET D 136 -12.63 14.96 -30.41
CA MET D 136 -13.79 15.10 -29.54
C MET D 136 -15.09 14.70 -30.24
N LYS D 137 -15.14 14.73 -31.57
CA LYS D 137 -16.31 14.20 -32.26
C LYS D 137 -16.39 12.69 -32.13
N HIS D 138 -15.27 12.00 -32.33
CA HIS D 138 -15.24 10.54 -32.32
C HIS D 138 -15.26 9.94 -30.92
N LEU D 139 -15.08 10.73 -29.87
CA LEU D 139 -14.98 10.20 -28.52
C LEU D 139 -16.04 10.69 -27.56
N SER D 140 -16.57 11.90 -27.76
CA SER D 140 -17.58 12.40 -26.83
C SER D 140 -18.85 11.55 -26.80
N LYS D 141 -19.02 10.65 -27.77
CA LYS D 141 -20.18 9.77 -27.82
C LYS D 141 -19.89 8.39 -27.25
N VAL D 142 -18.72 8.19 -26.64
CA VAL D 142 -18.38 6.89 -26.06
C VAL D 142 -17.63 7.06 -24.75
N VAL D 143 -17.36 8.31 -24.34
CA VAL D 143 -16.61 8.59 -23.12
C VAL D 143 -16.91 10.02 -22.70
N ASN D 144 -16.67 10.32 -21.43
CA ASN D 144 -16.88 11.67 -20.88
C ASN D 144 -15.62 12.49 -21.12
N ILE D 145 -15.73 13.50 -21.97
CA ILE D 145 -14.62 14.39 -22.31
C ILE D 145 -14.77 15.69 -21.54
N ILE D 146 -13.71 16.10 -20.85
CA ILE D 146 -13.65 17.39 -20.18
C ILE D 146 -12.59 18.24 -20.88
N PRO D 147 -12.99 19.25 -21.65
CA PRO D 147 -12.00 20.09 -22.33
C PRO D 147 -11.28 20.99 -21.34
N VAL D 148 -9.94 21.02 -21.42
CA VAL D 148 -9.13 21.88 -20.59
C VAL D 148 -8.16 22.65 -21.46
N ILE D 149 -7.83 23.87 -21.06
CA ILE D 149 -6.88 24.71 -21.76
C ILE D 149 -5.53 24.55 -21.06
N ALA D 150 -4.61 23.84 -21.70
CA ALA D 150 -3.29 23.60 -21.13
C ALA D 150 -2.53 24.91 -20.98
N LYS D 151 -1.77 25.02 -19.89
CA LYS D 151 -0.90 26.16 -19.62
C LYS D 151 -1.64 27.49 -19.74
N ALA D 152 -2.46 27.82 -18.74
CA ALA D 152 -3.22 29.06 -18.78
C ALA D 152 -2.35 30.28 -18.51
N ASP D 153 -1.14 30.10 -17.97
CA ASP D 153 -0.24 31.23 -17.74
C ASP D 153 0.35 31.76 -19.04
N THR D 154 0.07 31.11 -20.18
CA THR D 154 0.52 31.62 -21.47
C THR D 154 -0.30 32.83 -21.90
N MET D 155 -1.57 32.89 -21.51
CA MET D 155 -2.47 33.95 -21.94
C MET D 155 -2.59 35.03 -20.88
N THR D 156 -3.25 36.12 -21.26
CA THR D 156 -3.60 37.21 -20.37
C THR D 156 -5.11 37.20 -20.12
N LEU D 157 -5.56 38.12 -19.27
CA LEU D 157 -6.99 38.18 -18.95
C LEU D 157 -7.83 38.44 -20.20
N GLU D 158 -7.36 39.33 -21.08
CA GLU D 158 -8.11 39.59 -22.31
C GLU D 158 -8.05 38.40 -23.27
N GLU D 159 -6.93 37.67 -23.29
CA GLU D 159 -6.80 36.51 -24.15
C GLU D 159 -7.51 35.30 -23.58
N LYS D 160 -7.38 35.06 -22.27
CA LYS D 160 -8.07 33.95 -21.63
C LYS D 160 -9.58 34.06 -21.79
N SER D 161 -10.11 35.28 -21.63
CA SER D 161 -11.53 35.50 -21.83
C SER D 161 -11.95 35.21 -23.27
N GLU D 162 -11.21 35.77 -24.23
CA GLU D 162 -11.60 35.63 -25.63
C GLU D 162 -11.43 34.20 -26.12
N PHE D 163 -10.40 33.51 -25.63
CA PHE D 163 -10.14 32.15 -26.10
C PHE D 163 -11.20 31.18 -25.58
N LYS D 164 -11.60 31.33 -24.31
CA LYS D 164 -12.63 30.46 -23.77
C LYS D 164 -13.96 30.64 -24.49
N GLN D 165 -14.25 31.87 -24.94
CA GLN D 165 -15.50 32.10 -25.67
C GLN D 165 -15.50 31.38 -27.00
N ARG D 166 -14.38 31.40 -27.72
CA ARG D 166 -14.34 30.79 -29.04
C ARG D 166 -14.34 29.27 -28.95
N VAL D 167 -13.65 28.71 -27.94
CA VAL D 167 -13.67 27.26 -27.76
C VAL D 167 -15.09 26.80 -27.45
N ARG D 168 -15.80 27.53 -26.59
CA ARG D 168 -17.18 27.17 -26.27
C ARG D 168 -18.07 27.25 -27.52
N LYS D 169 -17.98 28.36 -28.25
CA LYS D 169 -18.84 28.52 -29.43
C LYS D 169 -18.56 27.45 -30.47
N GLU D 170 -17.31 27.00 -30.58
CA GLU D 170 -16.99 26.00 -31.59
C GLU D 170 -17.35 24.60 -31.14
N LEU D 171 -17.31 24.34 -29.83
CA LEU D 171 -17.82 23.08 -29.32
C LEU D 171 -19.32 22.97 -29.52
N GLU D 172 -20.03 24.09 -29.44
CA GLU D 172 -21.48 24.08 -29.60
C GLU D 172 -21.90 23.95 -31.06
N VAL D 173 -21.12 24.52 -31.98
CA VAL D 173 -21.48 24.47 -33.39
C VAL D 173 -21.37 23.04 -33.92
N ASN D 174 -20.29 22.34 -33.57
CA ASN D 174 -20.11 20.97 -34.01
C ASN D 174 -20.96 19.96 -33.23
N GLY D 175 -21.66 20.40 -32.19
CA GLY D 175 -22.51 19.52 -31.42
C GLY D 175 -21.76 18.52 -30.56
N ILE D 176 -20.65 18.94 -29.96
CA ILE D 176 -19.83 18.06 -29.15
C ILE D 176 -20.39 18.02 -27.74
N GLU D 177 -20.85 16.84 -27.33
CA GLU D 177 -21.47 16.68 -26.01
C GLU D 177 -20.40 16.29 -24.98
N PHE D 178 -19.59 17.27 -24.62
CA PHE D 178 -18.61 17.08 -23.56
C PHE D 178 -19.29 17.06 -22.20
N TYR D 179 -18.66 16.39 -21.25
CA TYR D 179 -19.19 16.30 -19.89
C TYR D 179 -19.09 17.64 -19.18
N PRO D 180 -20.15 18.05 -18.45
CA PRO D 180 -21.39 17.30 -18.24
C PRO D 180 -22.45 17.54 -19.32
N GLN D 181 -22.91 16.47 -19.96
CA GLN D 181 -23.85 16.58 -21.06
C GLN D 181 -25.18 17.14 -20.58
N LYS D 182 -25.84 17.94 -21.43
CA LYS D 182 -27.01 18.68 -21.01
C LYS D 182 -28.22 17.77 -20.78
N GLU D 183 -28.29 16.63 -21.46
CA GLU D 183 -29.47 15.78 -21.34
C GLU D 183 -29.46 14.91 -20.09
N PHE D 184 -28.34 14.85 -19.36
CA PHE D 184 -28.25 14.04 -18.17
C PHE D 184 -28.39 14.85 -16.89
N ASP D 185 -28.77 16.13 -16.99
CA ASP D 185 -29.05 16.93 -15.81
C ASP D 185 -30.19 16.29 -15.03
N GLU D 186 -29.94 16.01 -13.75
CA GLU D 186 -30.92 15.27 -12.95
C GLU D 186 -32.13 16.13 -12.65
N ASP D 187 -31.92 17.27 -12.00
CA ASP D 187 -33.02 18.11 -11.52
C ASP D 187 -32.67 19.57 -11.75
N LEU D 188 -33.37 20.46 -11.06
CA LEU D 188 -33.16 21.90 -11.25
C LEU D 188 -31.78 22.33 -10.74
N GLU D 189 -31.35 21.80 -9.59
CA GLU D 189 -30.07 22.20 -9.03
C GLU D 189 -28.90 21.84 -9.95
N ASP D 190 -28.99 20.69 -10.63
CA ASP D 190 -27.92 20.32 -11.55
C ASP D 190 -27.86 21.25 -12.75
N LYS D 191 -29.03 21.60 -13.31
CA LYS D 191 -29.05 22.46 -14.49
C LYS D 191 -28.45 23.82 -14.18
N THR D 192 -28.85 24.42 -13.07
CA THR D 192 -28.33 25.75 -12.72
C THR D 192 -26.83 25.70 -12.45
N GLU D 193 -26.32 24.56 -11.96
CA GLU D 193 -24.90 24.42 -11.68
C GLU D 193 -24.10 23.98 -12.91
N ASN D 194 -24.70 23.16 -13.78
CA ASN D 194 -23.99 22.71 -14.96
C ASN D 194 -24.04 23.74 -16.08
N ASP D 195 -25.10 24.54 -16.16
CA ASP D 195 -25.10 25.65 -17.11
C ASP D 195 -24.03 26.66 -16.77
N LYS D 196 -23.88 26.98 -15.49
CA LYS D 196 -22.78 27.85 -15.08
C LYS D 196 -21.42 27.20 -15.37
N ILE D 197 -21.38 25.87 -15.41
CA ILE D 197 -20.13 25.17 -15.69
C ILE D 197 -19.91 25.05 -17.20
N ARG D 198 -20.99 24.86 -17.96
CA ARG D 198 -20.86 24.73 -19.41
C ARG D 198 -20.68 26.07 -20.10
N GLN D 199 -21.33 27.12 -19.60
CA GLN D 199 -21.39 28.38 -20.33
C GLN D 199 -20.32 29.39 -19.91
N GLU D 200 -19.78 29.27 -18.70
CA GLU D 200 -18.78 30.24 -18.24
C GLU D 200 -17.58 29.63 -17.54
N SER D 201 -17.65 28.38 -17.08
CA SER D 201 -16.55 27.76 -16.34
C SER D 201 -15.63 26.91 -17.21
N MET D 202 -16.18 26.24 -18.22
CA MET D 202 -15.40 25.42 -19.13
C MET D 202 -15.14 26.16 -20.45
N PRO D 203 -14.03 25.85 -21.13
CA PRO D 203 -12.99 24.88 -20.74
C PRO D 203 -12.06 25.42 -19.65
N PHE D 204 -11.65 24.55 -18.72
CA PHE D 204 -10.87 24.97 -17.57
C PHE D 204 -9.48 25.43 -18.00
N ALA D 205 -9.16 26.70 -17.72
CA ALA D 205 -7.85 27.25 -18.01
C ALA D 205 -6.94 26.93 -16.84
N VAL D 206 -6.33 25.74 -16.88
CA VAL D 206 -5.62 25.18 -15.75
C VAL D 206 -4.13 25.44 -15.85
N VAL D 207 -3.46 25.44 -14.69
CA VAL D 207 -2.01 25.53 -14.59
C VAL D 207 -1.57 24.46 -13.60
N GLY D 208 -0.53 23.70 -13.96
CA GLY D 208 -0.04 22.61 -13.14
C GLY D 208 1.37 22.87 -12.64
N SER D 209 1.65 22.42 -11.42
CA SER D 209 2.96 22.59 -10.83
C SER D 209 3.11 21.65 -9.64
N ASP D 210 4.37 21.35 -9.31
CA ASP D 210 4.70 20.53 -8.14
C ASP D 210 5.74 21.19 -7.26
N LYS D 211 6.00 22.48 -7.44
CA LYS D 211 6.99 23.21 -6.65
C LYS D 211 6.27 24.21 -5.75
N GLU D 212 6.81 24.41 -4.55
CA GLU D 212 6.23 25.28 -3.55
C GLU D 212 7.09 26.52 -3.38
N TYR D 213 6.47 27.69 -3.40
CA TYR D 213 7.17 28.97 -3.28
C TYR D 213 6.47 29.85 -2.26
N GLN D 214 7.25 30.41 -1.34
CA GLN D 214 6.73 31.40 -0.40
C GLN D 214 6.62 32.76 -1.10
N VAL D 215 5.50 33.44 -0.86
CA VAL D 215 5.27 34.75 -1.47
C VAL D 215 4.91 35.77 -0.41
N ASN D 216 3.90 35.48 0.41
CA ASN D 216 3.46 36.39 1.46
C ASN D 216 3.40 35.70 2.81
N GLY D 217 4.20 34.67 3.00
CA GLY D 217 4.24 33.92 4.25
C GLY D 217 3.65 32.54 4.17
N LYS D 218 2.98 32.19 3.07
CA LYS D 218 2.38 30.88 2.90
C LYS D 218 3.04 30.16 1.73
N ARG D 219 3.10 28.84 1.83
CA ARG D 219 3.70 27.99 0.80
C ARG D 219 2.60 27.62 -0.20
N VAL D 220 2.59 28.31 -1.35
CA VAL D 220 1.61 28.06 -2.39
C VAL D 220 2.28 27.33 -3.53
N LEU D 221 1.45 26.62 -4.31
CA LEU D 221 1.93 25.89 -5.48
C LEU D 221 1.96 26.82 -6.69
N GLY D 222 3.02 26.72 -7.48
CA GLY D 222 3.12 27.51 -8.69
C GLY D 222 4.49 27.36 -9.32
N ARG D 223 4.69 28.15 -10.38
CA ARG D 223 5.92 28.16 -11.14
C ARG D 223 6.52 29.57 -11.11
N LYS D 224 7.85 29.65 -11.04
CA LYS D 224 8.54 30.92 -10.83
C LYS D 224 9.00 31.50 -12.15
N TYR D 225 8.69 32.78 -12.37
CA TYR D 225 9.16 33.56 -13.49
C TYR D 225 9.97 34.74 -12.99
N PRO D 226 10.86 35.30 -13.80
CA PRO D 226 11.61 36.50 -13.36
C PRO D 226 10.73 37.71 -13.11
N TRP D 227 9.51 37.73 -13.65
CA TRP D 227 8.59 38.85 -13.50
C TRP D 227 7.49 38.58 -12.49
N GLY D 228 7.43 37.38 -11.93
CA GLY D 228 6.40 37.06 -10.95
C GLY D 228 6.23 35.56 -10.82
N ILE D 229 5.38 35.18 -9.87
CA ILE D 229 5.08 33.78 -9.59
C ILE D 229 3.62 33.53 -9.92
N ILE D 230 3.35 32.53 -10.75
CA ILE D 230 1.99 32.09 -11.01
C ILE D 230 1.52 31.24 -9.84
N GLU D 231 0.30 31.50 -9.36
CA GLU D 231 -0.26 30.80 -8.22
C GLU D 231 -1.31 29.82 -8.71
N VAL D 232 -1.06 28.52 -8.47
CA VAL D 232 -1.90 27.47 -9.06
C VAL D 232 -3.27 27.44 -8.38
N GLU D 233 -3.30 27.58 -7.06
CA GLU D 233 -4.56 27.51 -6.32
C GLU D 233 -5.36 28.79 -6.35
N ASN D 234 -4.81 29.88 -6.87
CA ASN D 234 -5.49 31.17 -6.87
C ASN D 234 -6.42 31.26 -8.08
N LEU D 235 -7.71 31.53 -7.83
CA LEU D 235 -8.65 31.68 -8.93
C LEU D 235 -8.33 32.91 -9.77
N ASN D 236 -7.75 33.96 -9.17
CA ASN D 236 -7.42 35.16 -9.91
C ASN D 236 -6.30 34.97 -10.91
N HIS D 237 -5.59 33.84 -10.85
CA HIS D 237 -4.49 33.55 -11.77
C HIS D 237 -4.84 32.47 -12.79
N CYS D 238 -5.55 31.42 -12.38
CA CYS D 238 -5.97 30.37 -13.29
C CYS D 238 -7.20 29.70 -12.69
N GLU D 239 -7.67 28.67 -13.39
CA GLU D 239 -8.90 27.97 -13.00
C GLU D 239 -8.62 26.52 -12.60
N PHE D 240 -7.42 26.25 -12.07
CA PHE D 240 -7.11 24.90 -11.63
C PHE D 240 -8.03 24.46 -10.50
N ALA D 241 -8.32 25.35 -9.56
CA ALA D 241 -9.19 25.00 -8.45
C ALA D 241 -10.56 24.55 -8.91
N LEU D 242 -11.08 25.14 -9.98
CA LEU D 242 -12.38 24.74 -10.50
C LEU D 242 -12.36 23.31 -10.99
N LEU D 243 -11.33 22.94 -11.76
CA LEU D 243 -11.23 21.57 -12.26
C LEU D 243 -11.15 20.57 -11.12
N ARG D 244 -10.35 20.86 -10.09
CA ARG D 244 -10.26 19.97 -8.93
C ARG D 244 -11.60 19.88 -8.23
N ASP D 245 -12.32 21.00 -8.12
CA ASP D 245 -13.60 20.99 -7.43
C ASP D 245 -14.66 20.23 -8.23
N PHE D 246 -14.48 20.14 -9.55
CA PHE D 246 -15.44 19.50 -10.42
C PHE D 246 -15.21 17.99 -10.52
N VAL D 247 -13.94 17.58 -10.68
CA VAL D 247 -13.65 16.18 -11.00
C VAL D 247 -13.61 15.32 -9.74
N ILE D 248 -13.12 15.87 -8.63
CA ILE D 248 -12.87 15.10 -7.43
C ILE D 248 -13.92 15.39 -6.35
N ARG D 249 -14.25 16.67 -6.14
N ARG D 249 -14.24 16.67 -6.14
CA ARG D 249 -15.12 17.02 -5.03
CA ARG D 249 -15.12 17.04 -5.03
C ARG D 249 -16.58 16.72 -5.35
C ARG D 249 -16.58 16.73 -5.34
N THR D 250 -17.07 17.19 -6.48
CA THR D 250 -18.49 17.11 -6.79
C THR D 250 -18.85 15.96 -7.71
N HIS D 251 -18.37 16.00 -8.95
CA HIS D 251 -18.88 15.11 -10.00
C HIS D 251 -18.08 13.82 -10.16
N LEU D 252 -17.35 13.39 -9.13
CA LEU D 252 -16.59 12.15 -9.23
C LEU D 252 -17.52 10.96 -9.50
N GLN D 253 -18.45 10.69 -8.57
CA GLN D 253 -19.40 9.60 -8.78
C GLN D 253 -20.32 9.86 -9.97
N ASP D 254 -20.64 11.13 -10.22
CA ASP D 254 -21.48 11.47 -11.36
C ASP D 254 -20.83 11.09 -12.68
N LEU D 255 -19.49 11.09 -12.74
CA LEU D 255 -18.80 10.64 -13.94
C LEU D 255 -18.93 9.14 -14.13
N LYS D 256 -18.79 8.37 -13.05
CA LYS D 256 -18.89 6.92 -13.16
C LYS D 256 -20.28 6.45 -13.55
N GLU D 257 -21.32 7.17 -13.12
CA GLU D 257 -22.68 6.75 -13.41
C GLU D 257 -23.04 6.99 -14.87
N VAL D 258 -22.57 8.10 -15.45
CA VAL D 258 -22.84 8.34 -16.87
C VAL D 258 -22.04 7.35 -17.72
N THR D 259 -20.84 6.97 -17.27
CA THR D 259 -20.09 5.94 -17.97
C THR D 259 -20.86 4.63 -18.03
N HIS D 260 -21.44 4.22 -16.89
CA HIS D 260 -22.06 2.91 -16.82
C HIS D 260 -23.47 2.89 -17.43
N ASN D 261 -24.25 3.94 -17.20
CA ASN D 261 -25.65 3.94 -17.62
C ASN D 261 -25.88 4.50 -19.01
N ILE D 262 -24.89 5.16 -19.60
CA ILE D 262 -25.07 5.72 -20.93
C ILE D 262 -24.09 5.08 -21.91
N HIS D 263 -22.79 5.30 -21.69
CA HIS D 263 -21.79 4.85 -22.65
C HIS D 263 -21.67 3.33 -22.68
N TYR D 264 -21.62 2.70 -21.50
CA TYR D 264 -21.49 1.26 -21.43
C TYR D 264 -22.80 0.56 -21.79
N GLU D 265 -23.95 1.17 -21.48
CA GLU D 265 -25.21 0.55 -21.86
C GLU D 265 -25.46 0.68 -23.35
N THR D 266 -25.01 1.77 -23.98
CA THR D 266 -25.06 1.86 -25.44
C THR D 266 -24.17 0.81 -26.07
N TYR D 267 -23.02 0.52 -25.44
CA TYR D 267 -22.14 -0.53 -25.93
C TYR D 267 -22.75 -1.90 -25.73
N ARG D 268 -23.25 -2.18 -24.52
CA ARG D 268 -23.77 -3.51 -24.21
C ARG D 268 -24.98 -3.86 -25.07
N ALA D 269 -25.81 -2.86 -25.39
CA ALA D 269 -26.99 -3.13 -26.20
C ALA D 269 -26.61 -3.58 -27.61
N LYS D 270 -25.55 -2.99 -28.17
CA LYS D 270 -25.10 -3.40 -29.50
C LYS D 270 -24.45 -4.78 -29.46
N ARG D 271 -23.76 -5.11 -28.38
CA ARG D 271 -23.09 -6.39 -28.22
C ARG D 271 -24.03 -7.51 -27.78
N LEU D 272 -25.34 -7.30 -27.84
CA LEU D 272 -26.33 -8.28 -27.37
C LEU D 272 -26.09 -8.65 -25.91
#